data_1RQ8
#
_entry.id   1RQ8
#
_entity_poly.entity_id   1
_entity_poly.type   'polypeptide(L)'
_entity_poly.pdbx_seq_one_letter_code
;MLTGKQKRYLRSLAHNIDPIFQIGKGGINENMIKQIDDTLENRELIKVHVLQNNFDDKKELAETLSEATRSELVQVIGSM
IVIYRESKENKEIELPLEHHHHHH
;
_entity_poly.pdbx_strand_id   A
#
# COMPACT_ATOMS: atom_id res chain seq x y z
N MET A 1 -3.27 12.61 1.97
CA MET A 1 -1.93 13.06 1.51
C MET A 1 -1.83 12.92 -0.02
N LEU A 2 -2.14 11.76 -0.53
CA LEU A 2 -2.05 11.56 -2.01
C LEU A 2 -3.29 12.09 -2.71
N THR A 3 -3.09 12.50 -3.92
CA THR A 3 -4.18 13.08 -4.71
C THR A 3 -4.34 12.27 -6.02
N GLY A 4 -5.40 12.49 -6.73
CA GLY A 4 -5.63 11.75 -8.01
C GLY A 4 -4.36 11.67 -8.86
N LYS A 5 -3.91 12.77 -9.39
CA LYS A 5 -2.70 12.75 -10.27
C LYS A 5 -1.51 12.04 -9.59
N GLN A 6 -1.40 12.10 -8.29
CA GLN A 6 -0.26 11.41 -7.61
C GLN A 6 -0.46 9.89 -7.66
N LYS A 7 -1.69 9.46 -7.54
CA LYS A 7 -1.98 8.01 -7.57
C LYS A 7 -1.59 7.41 -8.93
N ARG A 8 -1.98 8.04 -10.01
CA ARG A 8 -1.64 7.48 -11.34
C ARG A 8 -0.12 7.31 -11.49
N TYR A 9 0.63 8.35 -11.28
CA TYR A 9 2.11 8.24 -11.42
C TYR A 9 2.65 7.14 -10.50
N LEU A 10 2.33 7.25 -9.25
CA LEU A 10 2.83 6.27 -8.26
C LEU A 10 2.21 4.89 -8.45
N ARG A 11 0.96 4.83 -8.80
CA ARG A 11 0.31 3.49 -8.99
C ARG A 11 1.17 2.64 -9.93
N SER A 12 1.76 3.24 -10.91
CA SER A 12 2.63 2.46 -11.85
C SER A 12 3.95 2.13 -11.17
N LEU A 13 4.46 3.02 -10.36
CA LEU A 13 5.75 2.75 -9.68
C LEU A 13 5.67 1.48 -8.85
N ALA A 14 4.66 1.33 -8.05
CA ALA A 14 4.53 0.10 -7.20
C ALA A 14 4.04 -1.10 -8.03
N HIS A 15 3.65 -0.89 -9.25
CA HIS A 15 3.13 -2.01 -10.09
C HIS A 15 4.25 -2.99 -10.47
N ASN A 16 5.38 -2.49 -10.90
CA ASN A 16 6.49 -3.41 -11.30
C ASN A 16 7.32 -3.84 -10.09
N ILE A 17 6.97 -3.38 -8.92
CA ILE A 17 7.76 -3.77 -7.71
C ILE A 17 7.12 -4.99 -7.04
N ASP A 18 7.80 -5.56 -6.09
CA ASP A 18 7.26 -6.75 -5.39
C ASP A 18 6.84 -6.43 -3.94
N PRO A 19 5.80 -7.08 -3.48
CA PRO A 19 5.32 -6.88 -2.08
C PRO A 19 6.24 -7.64 -1.11
N ILE A 20 6.61 -7.02 -0.01
CA ILE A 20 7.48 -7.72 0.98
C ILE A 20 6.66 -8.09 2.23
N PHE A 21 5.52 -7.48 2.40
CA PHE A 21 4.62 -7.82 3.54
C PHE A 21 3.37 -8.51 2.98
N GLN A 22 2.94 -9.60 3.55
CA GLN A 22 1.74 -10.30 2.99
C GLN A 22 0.66 -10.51 4.07
N ILE A 23 -0.55 -10.14 3.77
CA ILE A 23 -1.65 -10.33 4.75
C ILE A 23 -2.27 -11.72 4.57
N GLY A 24 -2.69 -12.34 5.64
CA GLY A 24 -3.30 -13.69 5.52
C GLY A 24 -4.63 -13.57 4.78
N LYS A 25 -5.45 -14.59 4.83
CA LYS A 25 -6.75 -14.50 4.11
C LYS A 25 -7.83 -13.95 5.05
N GLY A 26 -7.64 -14.06 6.34
CA GLY A 26 -8.65 -13.53 7.30
C GLY A 26 -8.98 -12.08 6.96
N GLY A 27 -7.99 -11.31 6.61
CA GLY A 27 -8.23 -9.88 6.26
C GLY A 27 -6.97 -9.09 6.58
N ILE A 28 -7.09 -8.01 7.30
CA ILE A 28 -5.88 -7.23 7.65
C ILE A 28 -5.52 -7.48 9.11
N ASN A 29 -4.38 -8.06 9.36
CA ASN A 29 -3.98 -8.34 10.77
C ASN A 29 -2.89 -7.35 11.22
N GLU A 30 -3.00 -6.81 12.40
CA GLU A 30 -1.95 -5.85 12.86
C GLU A 30 -0.59 -6.51 12.81
N ASN A 31 -0.49 -7.76 13.23
CA ASN A 31 0.83 -8.46 13.18
C ASN A 31 1.44 -8.27 11.78
N MET A 32 0.62 -8.38 10.78
CA MET A 32 1.12 -8.18 9.40
C MET A 32 1.44 -6.70 9.22
N ILE A 33 0.65 -5.83 9.80
CA ILE A 33 0.95 -4.38 9.66
C ILE A 33 2.19 -4.04 10.49
N LYS A 34 2.40 -4.76 11.58
CA LYS A 34 3.59 -4.47 12.41
C LYS A 34 4.82 -4.52 11.50
N GLN A 35 4.86 -5.49 10.63
CA GLN A 35 5.99 -5.59 9.66
C GLN A 35 5.81 -4.53 8.57
N ILE A 36 4.63 -4.46 7.99
CA ILE A 36 4.40 -3.43 6.93
C ILE A 36 4.79 -2.06 7.47
N ASP A 37 4.41 -1.80 8.71
CA ASP A 37 4.72 -0.50 9.35
C ASP A 37 6.20 -0.16 9.20
N ASP A 38 7.06 -1.03 9.67
CA ASP A 38 8.52 -0.77 9.54
C ASP A 38 8.94 -0.84 8.07
N THR A 39 8.36 -1.74 7.34
CA THR A 39 8.69 -1.88 5.89
C THR A 39 8.35 -0.60 5.14
N LEU A 40 7.14 -0.12 5.27
CA LEU A 40 6.74 1.11 4.54
C LEU A 40 7.37 2.34 5.21
N GLU A 41 7.54 2.30 6.50
CA GLU A 41 8.15 3.46 7.22
C GLU A 41 9.56 3.70 6.68
N ASN A 42 10.16 2.70 6.08
CA ASN A 42 11.54 2.88 5.54
C ASN A 42 11.47 3.30 4.07
N ARG A 43 10.60 2.70 3.30
CA ARG A 43 10.49 3.06 1.86
C ARG A 43 9.35 4.07 1.65
N GLU A 44 9.17 4.53 0.45
CA GLU A 44 8.08 5.52 0.18
C GLU A 44 6.90 4.85 -0.54
N LEU A 45 7.18 3.90 -1.39
CA LEU A 45 6.07 3.20 -2.11
C LEU A 45 5.93 1.78 -1.58
N ILE A 46 4.74 1.38 -1.22
CA ILE A 46 4.56 0.00 -0.69
C ILE A 46 3.47 -0.77 -1.44
N LYS A 47 3.84 -1.88 -1.99
CA LYS A 47 2.85 -2.75 -2.71
C LYS A 47 2.62 -3.95 -1.78
N VAL A 48 1.48 -4.08 -1.18
CA VAL A 48 1.28 -5.19 -0.22
C VAL A 48 0.48 -6.35 -0.84
N HIS A 49 0.78 -7.56 -0.47
CA HIS A 49 0.02 -8.72 -1.01
C HIS A 49 -1.03 -9.18 0.01
N VAL A 50 -2.28 -8.87 -0.20
CA VAL A 50 -3.35 -9.28 0.77
C VAL A 50 -4.06 -10.51 0.27
N LEU A 51 -4.37 -11.42 1.15
CA LEU A 51 -5.03 -12.67 0.72
C LEU A 51 -6.56 -12.63 0.96
N GLN A 52 -7.16 -11.48 0.91
CA GLN A 52 -8.64 -11.41 1.11
C GLN A 52 -9.38 -12.16 0.00
N ASN A 53 -8.70 -12.50 -1.07
CA ASN A 53 -9.35 -13.25 -2.20
C ASN A 53 -10.41 -12.38 -2.89
N ASN A 54 -11.42 -11.96 -2.18
CA ASN A 54 -12.48 -11.12 -2.82
C ASN A 54 -11.86 -9.84 -3.40
N PHE A 55 -12.42 -9.34 -4.47
CA PHE A 55 -11.86 -8.11 -5.08
C PHE A 55 -12.42 -6.85 -4.39
N ASP A 56 -13.71 -6.71 -4.32
CA ASP A 56 -14.29 -5.50 -3.67
C ASP A 56 -13.98 -5.50 -2.17
N ASP A 57 -13.67 -6.63 -1.65
CA ASP A 57 -13.34 -6.71 -0.20
C ASP A 57 -11.89 -6.25 0.00
N LYS A 58 -11.01 -6.66 -0.86
CA LYS A 58 -9.59 -6.22 -0.74
C LYS A 58 -9.53 -4.71 -0.70
N LYS A 59 -10.38 -4.05 -1.45
CA LYS A 59 -10.40 -2.57 -1.43
C LYS A 59 -10.80 -2.09 -0.03
N GLU A 60 -11.85 -2.66 0.50
CA GLU A 60 -12.29 -2.26 1.88
C GLU A 60 -11.10 -2.39 2.83
N LEU A 61 -10.33 -3.43 2.69
CA LEU A 61 -9.16 -3.60 3.58
C LEU A 61 -8.27 -2.36 3.49
N ALA A 62 -8.09 -1.83 2.31
CA ALA A 62 -7.27 -0.59 2.17
C ALA A 62 -7.87 0.49 3.07
N GLU A 63 -9.16 0.44 3.28
CA GLU A 63 -9.79 1.44 4.18
C GLU A 63 -9.15 1.32 5.55
N THR A 64 -8.87 0.11 5.91
CA THR A 64 -8.20 -0.16 7.21
C THR A 64 -6.68 -0.12 7.04
N LEU A 65 -6.18 -0.62 5.94
CA LEU A 65 -4.72 -0.60 5.71
C LEU A 65 -4.25 0.83 5.44
N SER A 66 -4.89 1.50 4.52
CA SER A 66 -4.49 2.91 4.22
C SER A 66 -4.66 3.78 5.46
N GLU A 67 -5.77 3.71 6.13
CA GLU A 67 -5.98 4.55 7.34
C GLU A 67 -4.95 4.18 8.42
N ALA A 68 -4.57 2.94 8.50
CA ALA A 68 -3.56 2.52 9.52
C ALA A 68 -2.15 2.77 9.00
N THR A 69 -1.93 2.60 7.73
CA THR A 69 -0.57 2.84 7.17
C THR A 69 -0.29 4.33 7.00
N ARG A 70 -1.22 5.18 7.37
CA ARG A 70 -1.00 6.65 7.22
C ARG A 70 -0.57 6.93 5.78
N SER A 71 -0.98 6.08 4.87
CA SER A 71 -0.60 6.28 3.44
C SER A 71 -1.86 6.37 2.57
N GLU A 72 -1.71 6.42 1.27
CA GLU A 72 -2.92 6.53 0.40
C GLU A 72 -2.87 5.48 -0.72
N LEU A 73 -3.90 4.69 -0.86
CA LEU A 73 -3.93 3.65 -1.91
C LEU A 73 -3.86 4.24 -3.32
N VAL A 74 -2.74 4.14 -3.98
CA VAL A 74 -2.73 4.63 -5.38
C VAL A 74 -3.51 3.60 -6.21
N GLN A 75 -3.53 2.35 -5.76
CA GLN A 75 -4.33 1.31 -6.49
C GLN A 75 -4.18 -0.08 -5.92
N VAL A 76 -5.02 -0.94 -6.36
CA VAL A 76 -5.04 -2.33 -5.86
C VAL A 76 -4.89 -3.30 -7.05
N ILE A 77 -3.91 -4.17 -7.02
CA ILE A 77 -3.74 -5.12 -8.14
C ILE A 77 -4.08 -6.55 -7.68
N GLY A 78 -5.26 -7.01 -7.99
CA GLY A 78 -5.67 -8.39 -7.58
C GLY A 78 -5.38 -8.61 -6.09
N SER A 79 -4.48 -9.50 -5.78
CA SER A 79 -4.15 -9.75 -4.34
C SER A 79 -3.05 -8.80 -3.87
N MET A 80 -2.80 -7.76 -4.60
CA MET A 80 -1.73 -6.81 -4.18
C MET A 80 -2.32 -5.40 -4.00
N ILE A 81 -1.91 -4.70 -2.98
CA ILE A 81 -2.44 -3.33 -2.77
C ILE A 81 -1.32 -2.31 -3.02
N VAL A 82 -1.61 -1.28 -3.74
CA VAL A 82 -0.59 -0.24 -4.06
C VAL A 82 -0.84 1.01 -3.23
N ILE A 83 0.03 1.30 -2.30
CA ILE A 83 -0.18 2.51 -1.44
C ILE A 83 1.08 3.35 -1.36
N TYR A 84 0.93 4.61 -1.05
CA TYR A 84 2.11 5.51 -0.92
C TYR A 84 2.13 6.13 0.48
N ARG A 85 3.09 5.75 1.28
CA ARG A 85 3.19 6.33 2.65
C ARG A 85 3.82 7.73 2.59
N GLU A 86 3.34 8.63 3.42
CA GLU A 86 3.85 10.04 3.43
C GLU A 86 5.37 10.11 3.16
N SER A 87 5.88 11.30 2.94
CA SER A 87 7.33 11.42 2.68
C SER A 87 8.08 11.70 3.97
N LYS A 88 9.26 11.18 4.08
CA LYS A 88 10.06 11.42 5.29
C LYS A 88 11.52 11.45 4.86
N GLU A 89 11.91 10.48 4.09
CA GLU A 89 13.29 10.45 3.56
C GLU A 89 13.23 10.86 2.09
N ASN A 90 13.95 11.86 1.72
CA ASN A 90 13.94 12.36 0.31
C ASN A 90 14.33 11.26 -0.68
N LYS A 91 13.40 10.42 -1.01
CA LYS A 91 13.67 9.33 -2.00
C LYS A 91 13.18 9.83 -3.36
N GLU A 92 13.67 9.29 -4.44
CA GLU A 92 13.21 9.77 -5.77
C GLU A 92 11.71 9.47 -5.94
N ILE A 93 10.90 10.25 -5.28
CA ILE A 93 9.42 10.04 -5.33
C ILE A 93 8.75 11.16 -6.13
N GLU A 94 7.74 10.82 -6.88
CA GLU A 94 7.01 11.87 -7.66
C GLU A 94 5.66 12.09 -7.04
N LEU A 95 5.12 13.27 -7.18
CA LEU A 95 3.77 13.50 -6.61
C LEU A 95 3.24 14.87 -7.02
N PRO A 96 3.01 15.04 -8.30
CA PRO A 96 2.49 16.32 -8.82
C PRO A 96 1.04 16.54 -8.37
N MET A 1 -1.28 14.44 1.78
CA MET A 1 -2.10 13.30 1.26
C MET A 1 -1.77 13.05 -0.21
N LEU A 2 -2.46 12.14 -0.82
CA LEU A 2 -2.20 11.86 -2.26
C LEU A 2 -3.43 12.16 -3.10
N THR A 3 -3.20 12.56 -4.30
CA THR A 3 -4.31 12.92 -5.21
C THR A 3 -4.24 12.08 -6.50
N GLY A 4 -5.29 12.11 -7.28
CA GLY A 4 -5.30 11.31 -8.55
C GLY A 4 -4.01 11.54 -9.33
N LYS A 5 -3.63 12.77 -9.55
CA LYS A 5 -2.37 13.04 -10.31
C LYS A 5 -1.19 12.32 -9.68
N GLN A 6 -1.03 12.41 -8.40
CA GLN A 6 0.10 11.71 -7.74
C GLN A 6 -0.12 10.21 -7.83
N LYS A 7 -1.34 9.79 -7.65
CA LYS A 7 -1.67 8.35 -7.74
C LYS A 7 -1.25 7.83 -9.12
N ARG A 8 -1.44 8.61 -10.16
CA ARG A 8 -1.05 8.14 -11.50
C ARG A 8 0.44 7.80 -11.53
N TYR A 9 1.28 8.73 -11.15
CA TYR A 9 2.74 8.47 -11.13
C TYR A 9 3.09 7.34 -10.16
N LEU A 10 2.51 7.38 -9.01
CA LEU A 10 2.83 6.37 -7.97
C LEU A 10 2.14 5.03 -8.23
N ARG A 11 0.87 5.03 -8.49
CA ARG A 11 0.18 3.73 -8.73
C ARG A 11 0.95 2.90 -9.76
N SER A 12 1.66 3.57 -10.64
CA SER A 12 2.45 2.85 -11.69
C SER A 12 3.78 2.34 -11.11
N LEU A 13 4.44 3.12 -10.30
CA LEU A 13 5.75 2.68 -9.72
C LEU A 13 5.58 1.35 -9.01
N ALA A 14 4.59 1.24 -8.17
CA ALA A 14 4.37 -0.03 -7.43
C ALA A 14 4.36 -1.22 -8.39
N HIS A 15 3.97 -1.00 -9.62
CA HIS A 15 3.92 -2.12 -10.60
C HIS A 15 5.28 -2.83 -10.70
N ASN A 16 6.33 -2.18 -10.27
CA ASN A 16 7.68 -2.83 -10.36
C ASN A 16 8.26 -3.06 -8.96
N ILE A 17 7.72 -2.44 -7.95
CA ILE A 17 8.25 -2.62 -6.58
C ILE A 17 7.80 -3.97 -6.03
N ASP A 18 8.23 -4.31 -4.85
CA ASP A 18 7.84 -5.64 -4.26
C ASP A 18 6.83 -5.47 -3.13
N PRO A 19 6.00 -6.48 -2.95
CA PRO A 19 4.97 -6.44 -1.88
C PRO A 19 5.64 -6.36 -0.50
N ILE A 20 5.52 -5.22 0.14
CA ILE A 20 6.14 -5.03 1.49
C ILE A 20 5.88 -6.26 2.38
N PHE A 21 4.66 -6.73 2.43
CA PHE A 21 4.35 -7.93 3.26
C PHE A 21 3.06 -8.59 2.76
N GLN A 22 2.83 -9.83 3.11
CA GLN A 22 1.60 -10.53 2.64
C GLN A 22 0.54 -10.56 3.74
N ILE A 23 -0.65 -10.14 3.43
CA ILE A 23 -1.75 -10.16 4.45
C ILE A 23 -2.37 -11.55 4.53
N GLY A 24 -2.75 -12.00 5.70
CA GLY A 24 -3.38 -13.34 5.82
C GLY A 24 -4.82 -13.27 5.30
N LYS A 25 -5.45 -14.40 5.09
CA LYS A 25 -6.85 -14.37 4.57
C LYS A 25 -7.84 -14.09 5.70
N GLY A 26 -7.53 -14.51 6.90
CA GLY A 26 -8.47 -14.28 8.03
C GLY A 26 -8.85 -12.79 8.09
N GLY A 27 -7.92 -11.93 7.76
CA GLY A 27 -8.21 -10.47 7.79
C GLY A 27 -6.90 -9.74 8.08
N ILE A 28 -6.85 -8.47 7.85
CA ILE A 28 -5.57 -7.76 8.12
C ILE A 28 -5.27 -7.80 9.63
N ASN A 29 -4.20 -8.44 10.00
CA ASN A 29 -3.84 -8.52 11.45
C ASN A 29 -2.72 -7.53 11.76
N GLU A 30 -2.75 -6.90 12.91
CA GLU A 30 -1.67 -5.94 13.26
C GLU A 30 -0.30 -6.59 13.07
N ASN A 31 -0.21 -7.88 13.24
CA ASN A 31 1.10 -8.56 13.05
C ASN A 31 1.63 -8.21 11.66
N MET A 32 0.80 -8.33 10.66
CA MET A 32 1.23 -7.99 9.28
C MET A 32 1.52 -6.49 9.20
N ILE A 33 0.72 -5.68 9.85
CA ILE A 33 0.98 -4.21 9.79
C ILE A 33 2.24 -3.88 10.61
N LYS A 34 2.49 -4.61 11.66
CA LYS A 34 3.72 -4.32 12.46
C LYS A 34 4.93 -4.33 11.52
N GLN A 35 4.95 -5.28 10.62
CA GLN A 35 6.06 -5.36 9.64
C GLN A 35 5.86 -4.26 8.58
N ILE A 36 4.72 -4.22 7.97
CA ILE A 36 4.44 -3.16 6.95
C ILE A 36 4.74 -1.78 7.57
N ASP A 37 4.43 -1.64 8.82
CA ASP A 37 4.64 -0.35 9.52
C ASP A 37 6.11 0.08 9.39
N ASP A 38 7.02 -0.80 9.71
CA ASP A 38 8.48 -0.44 9.63
C ASP A 38 8.96 -0.45 8.18
N THR A 39 8.44 -1.31 7.36
CA THR A 39 8.90 -1.36 5.94
C THR A 39 8.18 -0.29 5.10
N LEU A 40 7.03 0.14 5.52
CA LEU A 40 6.31 1.20 4.76
C LEU A 40 6.82 2.58 5.20
N GLU A 41 6.90 2.80 6.48
CA GLU A 41 7.39 4.10 7.00
C GLU A 41 8.79 4.39 6.44
N ASN A 42 9.61 3.39 6.34
CA ASN A 42 10.98 3.61 5.81
C ASN A 42 10.93 3.95 4.31
N ARG A 43 10.14 3.25 3.55
CA ARG A 43 10.06 3.54 2.09
C ARG A 43 8.86 4.46 1.79
N GLU A 44 8.69 4.84 0.55
CA GLU A 44 7.55 5.72 0.20
C GLU A 44 6.43 4.91 -0.47
N LEU A 45 6.77 4.07 -1.41
CA LEU A 45 5.74 3.25 -2.09
C LEU A 45 5.87 1.79 -1.65
N ILE A 46 4.81 1.20 -1.19
CA ILE A 46 4.88 -0.21 -0.75
C ILE A 46 3.68 -0.99 -1.28
N LYS A 47 3.93 -2.09 -1.95
CA LYS A 47 2.81 -2.91 -2.47
C LYS A 47 2.42 -3.92 -1.39
N VAL A 48 1.16 -4.17 -1.17
CA VAL A 48 0.80 -5.13 -0.10
C VAL A 48 -0.09 -6.25 -0.68
N HIS A 49 0.27 -7.48 -0.46
CA HIS A 49 -0.55 -8.62 -1.00
C HIS A 49 -1.64 -9.00 0.00
N VAL A 50 -2.88 -8.96 -0.43
CA VAL A 50 -4.00 -9.33 0.49
C VAL A 50 -4.52 -10.74 0.17
N LEU A 51 -4.71 -11.52 1.18
CA LEU A 51 -5.17 -12.91 0.99
C LEU A 51 -6.70 -13.01 0.90
N GLN A 52 -7.36 -12.04 0.34
CA GLN A 52 -8.84 -12.13 0.23
C GLN A 52 -9.24 -12.66 -1.15
N ASN A 53 -8.40 -12.45 -2.13
CA ASN A 53 -8.71 -12.95 -3.51
C ASN A 53 -10.13 -12.54 -3.93
N ASN A 54 -10.61 -11.44 -3.44
CA ASN A 54 -11.97 -10.99 -3.83
C ASN A 54 -11.92 -9.57 -4.43
N PHE A 55 -12.94 -9.17 -5.13
CA PHE A 55 -12.92 -7.80 -5.73
C PHE A 55 -13.29 -6.74 -4.69
N ASP A 56 -14.52 -6.74 -4.22
CA ASP A 56 -14.91 -5.70 -3.21
C ASP A 56 -14.46 -6.08 -1.81
N ASP A 57 -14.04 -7.29 -1.62
CA ASP A 57 -13.57 -7.70 -0.27
C ASP A 57 -12.07 -7.38 -0.14
N LYS A 58 -11.32 -7.60 -1.18
CA LYS A 58 -9.87 -7.29 -1.11
C LYS A 58 -9.68 -5.79 -0.91
N LYS A 59 -10.36 -4.99 -1.68
CA LYS A 59 -10.24 -3.52 -1.52
C LYS A 59 -10.66 -3.12 -0.10
N GLU A 60 -11.72 -3.71 0.40
CA GLU A 60 -12.17 -3.38 1.79
C GLU A 60 -11.00 -3.59 2.76
N LEU A 61 -10.23 -4.64 2.57
CA LEU A 61 -9.07 -4.86 3.48
C LEU A 61 -8.18 -3.61 3.46
N ALA A 62 -7.97 -3.05 2.29
CA ALA A 62 -7.14 -1.82 2.23
C ALA A 62 -7.77 -0.72 3.09
N GLU A 63 -9.07 -0.62 3.08
CA GLU A 63 -9.73 0.44 3.92
C GLU A 63 -9.19 0.34 5.35
N THR A 64 -8.88 -0.85 5.72
CA THR A 64 -8.31 -1.09 7.07
C THR A 64 -6.80 -0.82 7.06
N LEU A 65 -6.15 -1.10 5.96
CA LEU A 65 -4.68 -0.84 5.89
C LEU A 65 -4.43 0.63 5.58
N SER A 66 -5.04 1.14 4.53
CA SER A 66 -4.84 2.58 4.19
C SER A 66 -5.15 3.45 5.41
N GLU A 67 -6.15 3.09 6.17
CA GLU A 67 -6.50 3.92 7.37
C GLU A 67 -5.51 3.67 8.51
N ALA A 68 -4.97 2.48 8.60
CA ALA A 68 -4.01 2.18 9.70
C ALA A 68 -2.58 2.57 9.28
N THR A 69 -2.30 2.53 8.01
CA THR A 69 -0.92 2.89 7.55
C THR A 69 -0.74 4.41 7.51
N ARG A 70 -1.77 5.17 7.80
CA ARG A 70 -1.64 6.66 7.78
C ARG A 70 -1.06 7.11 6.43
N SER A 71 -1.29 6.33 5.40
CA SER A 71 -0.76 6.67 4.05
C SER A 71 -1.93 6.89 3.09
N GLU A 72 -1.66 6.97 1.81
CA GLU A 72 -2.78 7.18 0.84
C GLU A 72 -2.72 6.16 -0.30
N LEU A 73 -3.70 5.29 -0.37
CA LEU A 73 -3.70 4.26 -1.45
C LEU A 73 -3.75 4.86 -2.84
N VAL A 74 -2.71 4.73 -3.60
CA VAL A 74 -2.79 5.23 -5.00
C VAL A 74 -3.72 4.26 -5.74
N GLN A 75 -3.71 3.00 -5.34
CA GLN A 75 -4.63 2.00 -5.96
C GLN A 75 -4.31 0.60 -5.49
N VAL A 76 -5.07 -0.33 -5.97
CA VAL A 76 -4.92 -1.73 -5.57
C VAL A 76 -4.67 -2.59 -6.82
N ILE A 77 -3.46 -3.02 -7.02
CA ILE A 77 -3.13 -3.84 -8.21
C ILE A 77 -3.54 -5.29 -8.01
N GLY A 78 -4.64 -5.71 -8.59
CA GLY A 78 -5.10 -7.12 -8.44
C GLY A 78 -5.07 -7.53 -6.96
N SER A 79 -4.22 -8.47 -6.61
CA SER A 79 -4.15 -8.91 -5.19
C SER A 79 -3.11 -8.10 -4.42
N MET A 80 -2.63 -7.02 -4.98
CA MET A 80 -1.62 -6.20 -4.26
C MET A 80 -2.16 -4.78 -4.04
N ILE A 81 -1.94 -4.23 -2.88
CA ILE A 81 -2.43 -2.85 -2.62
C ILE A 81 -1.26 -1.88 -2.62
N VAL A 82 -1.27 -0.90 -3.47
CA VAL A 82 -0.14 0.07 -3.52
C VAL A 82 -0.47 1.31 -2.69
N ILE A 83 0.25 1.54 -1.63
CA ILE A 83 -0.04 2.74 -0.79
C ILE A 83 1.20 3.62 -0.67
N TYR A 84 1.01 4.91 -0.60
CA TYR A 84 2.17 5.83 -0.46
C TYR A 84 2.12 6.54 0.90
N ARG A 85 3.02 6.24 1.78
CA ARG A 85 3.00 6.91 3.11
C ARG A 85 3.98 8.08 3.14
N GLU A 86 3.48 9.29 3.10
CA GLU A 86 4.32 10.53 3.15
C GLU A 86 5.71 10.32 2.50
N SER A 87 6.71 11.01 2.98
CA SER A 87 8.08 10.88 2.42
C SER A 87 9.08 10.60 3.55
N LYS A 88 10.11 9.85 3.29
CA LYS A 88 11.11 9.58 4.35
C LYS A 88 12.49 9.57 3.71
N GLU A 89 12.69 8.71 2.76
CA GLU A 89 13.99 8.67 2.05
C GLU A 89 13.78 9.20 0.63
N ASN A 90 14.51 10.21 0.27
CA ASN A 90 14.37 10.81 -1.09
C ASN A 90 14.61 9.76 -2.19
N LYS A 91 13.62 8.98 -2.48
CA LYS A 91 13.77 7.93 -3.54
C LYS A 91 13.15 8.44 -4.85
N GLU A 92 12.96 7.58 -5.81
CA GLU A 92 12.34 8.04 -7.09
C GLU A 92 10.83 8.15 -6.92
N ILE A 93 10.39 9.14 -6.19
CA ILE A 93 8.93 9.31 -5.98
C ILE A 93 8.44 10.56 -6.72
N GLU A 94 7.29 10.48 -7.34
CA GLU A 94 6.74 11.67 -8.05
C GLU A 94 5.38 12.03 -7.46
N LEU A 95 5.28 13.16 -6.82
CA LEU A 95 3.99 13.56 -6.21
C LEU A 95 3.79 15.07 -6.36
N PRO A 96 3.45 15.49 -7.54
CA PRO A 96 3.22 16.92 -7.81
C PRO A 96 1.94 17.41 -7.11
N MET A 1 -1.78 13.78 1.55
CA MET A 1 -2.46 12.61 0.95
C MET A 1 -2.10 12.50 -0.53
N LEU A 2 -2.86 11.74 -1.27
CA LEU A 2 -2.58 11.62 -2.73
C LEU A 2 -3.73 12.15 -3.56
N THR A 3 -3.41 12.56 -4.74
CA THR A 3 -4.43 13.14 -5.64
C THR A 3 -4.47 12.33 -6.95
N GLY A 4 -5.47 12.58 -7.76
CA GLY A 4 -5.61 11.82 -9.04
C GLY A 4 -4.28 11.70 -9.79
N LYS A 5 -3.77 12.78 -10.33
CA LYS A 5 -2.50 12.71 -11.10
C LYS A 5 -1.37 12.02 -10.29
N GLN A 6 -1.35 12.17 -8.99
CA GLN A 6 -0.28 11.50 -8.20
C GLN A 6 -0.51 9.99 -8.20
N LYS A 7 -1.73 9.58 -8.42
CA LYS A 7 -2.04 8.12 -8.44
C LYS A 7 -1.46 7.49 -9.71
N ARG A 8 -1.75 8.05 -10.85
CA ARG A 8 -1.21 7.46 -12.11
C ARG A 8 0.31 7.27 -12.01
N TYR A 9 1.03 8.29 -11.64
CA TYR A 9 2.52 8.15 -11.54
C TYR A 9 2.90 7.10 -10.52
N LEU A 10 2.41 7.24 -9.33
CA LEU A 10 2.78 6.30 -8.25
C LEU A 10 2.10 4.94 -8.39
N ARG A 11 0.85 4.90 -8.73
CA ARG A 11 0.17 3.58 -8.85
C ARG A 11 0.97 2.66 -9.78
N SER A 12 1.64 3.21 -10.75
CA SER A 12 2.44 2.36 -11.68
C SER A 12 3.78 1.99 -11.06
N LEU A 13 4.36 2.87 -10.28
CA LEU A 13 5.69 2.55 -9.66
C LEU A 13 5.61 1.27 -8.83
N ALA A 14 4.63 1.16 -7.97
CA ALA A 14 4.52 -0.06 -7.13
C ALA A 14 4.45 -1.32 -8.01
N HIS A 15 3.84 -1.21 -9.16
CA HIS A 15 3.73 -2.39 -10.06
C HIS A 15 5.11 -2.99 -10.32
N ASN A 16 6.14 -2.20 -10.19
CA ASN A 16 7.52 -2.71 -10.44
C ASN A 16 8.20 -3.05 -9.10
N ILE A 17 7.79 -2.44 -8.03
CA ILE A 17 8.42 -2.72 -6.73
C ILE A 17 8.01 -4.10 -6.24
N ASP A 18 8.58 -4.57 -5.19
CA ASP A 18 8.24 -5.92 -4.68
C ASP A 18 7.44 -5.88 -3.35
N PRO A 19 6.56 -6.84 -3.19
CA PRO A 19 5.76 -6.96 -1.95
C PRO A 19 6.59 -7.72 -0.90
N ILE A 20 6.55 -7.28 0.32
CA ILE A 20 7.33 -7.95 1.42
C ILE A 20 6.35 -8.38 2.53
N PHE A 21 5.21 -7.76 2.55
CA PHE A 21 4.19 -8.04 3.59
C PHE A 21 2.96 -8.70 2.96
N GLN A 22 2.42 -9.71 3.60
CA GLN A 22 1.23 -10.39 3.02
C GLN A 22 0.14 -10.55 4.09
N ILE A 23 -1.05 -10.10 3.80
CA ILE A 23 -2.16 -10.25 4.77
C ILE A 23 -2.68 -11.68 4.71
N GLY A 24 -3.10 -12.23 5.82
CA GLY A 24 -3.62 -13.62 5.81
C GLY A 24 -5.10 -13.59 5.45
N LYS A 25 -5.65 -14.71 5.09
CA LYS A 25 -7.10 -14.72 4.72
C LYS A 25 -7.97 -14.76 5.97
N GLY A 26 -8.53 -13.63 6.33
CA GLY A 26 -9.38 -13.56 7.54
C GLY A 26 -9.65 -12.09 7.88
N GLY A 27 -8.65 -11.26 7.73
CA GLY A 27 -8.84 -9.82 8.03
C GLY A 27 -7.47 -9.19 8.25
N ILE A 28 -7.37 -7.88 8.16
CA ILE A 28 -6.05 -7.25 8.35
C ILE A 28 -5.59 -7.42 9.81
N ASN A 29 -4.52 -8.12 10.02
CA ASN A 29 -4.02 -8.31 11.42
C ASN A 29 -2.79 -7.44 11.67
N GLU A 30 -2.70 -6.81 12.82
CA GLU A 30 -1.51 -5.95 13.11
C GLU A 30 -0.23 -6.75 12.90
N ASN A 31 -0.27 -8.04 13.12
CA ASN A 31 0.95 -8.87 12.91
C ASN A 31 1.51 -8.57 11.51
N MET A 32 0.63 -8.40 10.56
CA MET A 32 1.07 -8.07 9.20
C MET A 32 1.52 -6.61 9.16
N ILE A 33 0.80 -5.74 9.84
CA ILE A 33 1.23 -4.31 9.84
C ILE A 33 2.54 -4.19 10.59
N LYS A 34 2.79 -5.04 11.54
CA LYS A 34 4.09 -4.97 12.27
C LYS A 34 5.21 -5.11 11.23
N GLN A 35 5.06 -6.06 10.35
CA GLN A 35 6.06 -6.24 9.28
C GLN A 35 5.96 -5.04 8.32
N ILE A 36 4.78 -4.79 7.82
CA ILE A 36 4.60 -3.62 6.90
C ILE A 36 5.13 -2.36 7.56
N ASP A 37 5.06 -2.30 8.86
CA ASP A 37 5.54 -1.10 9.58
C ASP A 37 7.00 -0.83 9.19
N ASP A 38 7.85 -1.81 9.39
CA ASP A 38 9.29 -1.63 9.02
C ASP A 38 9.44 -1.64 7.50
N THR A 39 8.74 -2.53 6.83
CA THR A 39 8.83 -2.59 5.34
C THR A 39 8.44 -1.24 4.75
N LEU A 40 7.46 -0.59 5.33
CA LEU A 40 7.02 0.73 4.79
C LEU A 40 7.83 1.86 5.45
N GLU A 41 8.03 1.78 6.74
CA GLU A 41 8.81 2.85 7.44
C GLU A 41 10.16 3.04 6.74
N ASN A 42 10.63 2.05 6.04
CA ASN A 42 11.94 2.18 5.34
C ASN A 42 11.74 2.65 3.90
N ARG A 43 10.91 1.95 3.15
CA ARG A 43 10.67 2.35 1.73
C ARG A 43 9.65 3.49 1.66
N GLU A 44 9.26 3.87 0.47
CA GLU A 44 8.25 4.96 0.32
C GLU A 44 7.02 4.43 -0.42
N LEU A 45 7.20 3.49 -1.31
CA LEU A 45 6.05 2.89 -2.04
C LEU A 45 5.90 1.45 -1.58
N ILE A 46 4.70 0.95 -1.46
CA ILE A 46 4.56 -0.46 -0.97
C ILE A 46 3.42 -1.21 -1.63
N LYS A 47 3.74 -2.18 -2.45
CA LYS A 47 2.68 -3.02 -3.07
C LYS A 47 2.44 -4.20 -2.13
N VAL A 48 1.34 -4.22 -1.42
CA VAL A 48 1.12 -5.32 -0.44
C VAL A 48 0.17 -6.37 -1.02
N HIS A 49 0.36 -7.61 -0.69
CA HIS A 49 -0.57 -8.68 -1.20
C HIS A 49 -1.62 -8.99 -0.13
N VAL A 50 -2.87 -9.09 -0.51
CA VAL A 50 -3.93 -9.39 0.51
C VAL A 50 -4.54 -10.75 0.28
N LEU A 51 -4.79 -11.46 1.33
CA LEU A 51 -5.37 -12.82 1.23
C LEU A 51 -6.90 -12.79 1.15
N GLN A 52 -7.46 -11.85 0.44
CA GLN A 52 -8.96 -11.80 0.33
C GLN A 52 -9.41 -12.47 -0.98
N ASN A 53 -8.59 -12.42 -1.99
CA ASN A 53 -8.96 -13.04 -3.30
C ASN A 53 -10.21 -12.39 -3.89
N ASN A 54 -10.62 -11.27 -3.37
CA ASN A 54 -11.83 -10.59 -3.91
C ASN A 54 -11.51 -9.16 -4.31
N PHE A 55 -12.32 -8.55 -5.13
CA PHE A 55 -12.05 -7.15 -5.56
C PHE A 55 -12.59 -6.14 -4.55
N ASP A 56 -13.88 -6.15 -4.31
CA ASP A 56 -14.45 -5.17 -3.34
C ASP A 56 -14.02 -5.47 -1.92
N ASP A 57 -13.50 -6.63 -1.69
CA ASP A 57 -13.04 -6.99 -0.32
C ASP A 57 -11.61 -6.47 -0.11
N LYS A 58 -10.74 -6.69 -1.05
CA LYS A 58 -9.35 -6.19 -0.92
C LYS A 58 -9.38 -4.67 -0.71
N LYS A 59 -10.36 -4.03 -1.30
CA LYS A 59 -10.47 -2.56 -1.13
C LYS A 59 -10.83 -2.24 0.32
N GLU A 60 -11.79 -2.93 0.86
CA GLU A 60 -12.18 -2.68 2.28
C GLU A 60 -10.95 -2.81 3.18
N LEU A 61 -10.17 -3.84 2.99
CA LEU A 61 -8.95 -4.00 3.83
C LEU A 61 -8.11 -2.72 3.75
N ALA A 62 -7.84 -2.25 2.56
CA ALA A 62 -7.05 -0.99 2.43
C ALA A 62 -7.72 0.11 3.26
N GLU A 63 -9.00 0.03 3.46
CA GLU A 63 -9.68 1.05 4.29
C GLU A 63 -9.08 1.03 5.68
N THR A 64 -8.80 -0.14 6.13
CA THR A 64 -8.18 -0.32 7.47
C THR A 64 -6.66 -0.27 7.34
N LEU A 65 -6.13 -0.78 6.25
CA LEU A 65 -4.65 -0.76 6.07
C LEU A 65 -4.20 0.67 5.74
N SER A 66 -4.81 1.29 4.76
CA SER A 66 -4.43 2.67 4.40
C SER A 66 -4.60 3.61 5.60
N GLU A 67 -5.71 3.49 6.30
CA GLU A 67 -5.92 4.37 7.49
C GLU A 67 -4.93 4.01 8.60
N ALA A 68 -4.54 2.78 8.69
CA ALA A 68 -3.57 2.37 9.76
C ALA A 68 -2.13 2.51 9.26
N THR A 69 -1.94 2.75 8.00
CA THR A 69 -0.54 2.89 7.47
C THR A 69 -0.18 4.37 7.30
N ARG A 70 -1.05 5.27 7.67
CA ARG A 70 -0.73 6.72 7.49
C ARG A 70 -0.29 6.95 6.05
N SER A 71 -0.84 6.19 5.15
CA SER A 71 -0.46 6.30 3.72
C SER A 71 -1.70 6.56 2.86
N GLU A 72 -1.55 6.63 1.56
CA GLU A 72 -2.73 6.87 0.68
C GLU A 72 -2.79 5.85 -0.47
N LEU A 73 -3.82 5.06 -0.53
CA LEU A 73 -3.93 4.04 -1.60
C LEU A 73 -3.96 4.67 -2.99
N VAL A 74 -2.88 4.59 -3.74
CA VAL A 74 -2.97 5.11 -5.12
C VAL A 74 -3.83 4.10 -5.90
N GLN A 75 -3.80 2.84 -5.49
CA GLN A 75 -4.65 1.82 -6.15
C GLN A 75 -4.43 0.42 -5.62
N VAL A 76 -5.12 -0.50 -6.21
CA VAL A 76 -5.06 -1.90 -5.76
C VAL A 76 -4.69 -2.79 -6.97
N ILE A 77 -3.58 -3.45 -6.94
CA ILE A 77 -3.19 -4.32 -8.09
C ILE A 77 -3.69 -5.75 -7.87
N GLY A 78 -4.79 -6.10 -8.47
CA GLY A 78 -5.34 -7.49 -8.31
C GLY A 78 -5.34 -7.90 -6.83
N SER A 79 -4.58 -8.90 -6.48
CA SER A 79 -4.52 -9.34 -5.06
C SER A 79 -3.53 -8.51 -4.27
N MET A 80 -3.05 -7.42 -4.83
CA MET A 80 -2.09 -6.58 -4.09
C MET A 80 -2.64 -5.15 -3.95
N ILE A 81 -2.28 -4.46 -2.90
CA ILE A 81 -2.77 -3.07 -2.70
C ILE A 81 -1.63 -2.08 -2.95
N VAL A 82 -1.91 -1.04 -3.67
CA VAL A 82 -0.87 -0.03 -3.98
C VAL A 82 -1.05 1.21 -3.11
N ILE A 83 -0.19 1.42 -2.16
CA ILE A 83 -0.36 2.62 -1.27
C ILE A 83 0.89 3.50 -1.27
N TYR A 84 0.69 4.79 -1.15
CA TYR A 84 1.85 5.72 -1.12
C TYR A 84 1.93 6.38 0.26
N ARG A 85 2.93 6.08 1.02
CA ARG A 85 3.07 6.70 2.37
C ARG A 85 3.56 8.14 2.24
N GLU A 86 3.05 9.02 3.05
CA GLU A 86 3.45 10.47 2.98
C GLU A 86 4.96 10.64 2.76
N SER A 87 5.40 11.85 2.56
CA SER A 87 6.84 12.09 2.35
C SER A 87 7.51 12.46 3.67
N LYS A 88 8.71 12.04 3.85
CA LYS A 88 9.43 12.39 5.09
C LYS A 88 10.91 12.49 4.73
N GLU A 89 11.39 11.50 4.04
CA GLU A 89 12.79 11.52 3.58
C GLU A 89 12.79 11.73 2.06
N ASN A 90 13.45 12.75 1.58
CA ASN A 90 13.46 13.05 0.12
C ASN A 90 13.91 11.84 -0.70
N LYS A 91 13.01 10.96 -0.98
CA LYS A 91 13.32 9.77 -1.81
C LYS A 91 12.83 10.04 -3.23
N GLU A 92 13.33 9.35 -4.22
CA GLU A 92 12.88 9.64 -5.62
C GLU A 92 11.39 9.28 -5.74
N ILE A 93 10.56 10.11 -5.18
CA ILE A 93 9.08 9.89 -5.21
C ILE A 93 8.43 10.91 -6.14
N GLU A 94 7.46 10.49 -6.92
CA GLU A 94 6.77 11.45 -7.82
C GLU A 94 5.45 11.87 -7.22
N LEU A 95 5.10 13.11 -7.38
CA LEU A 95 3.80 13.55 -6.86
C LEU A 95 3.54 15.02 -7.23
N PRO A 96 3.32 15.23 -8.51
CA PRO A 96 3.07 16.60 -9.02
C PRO A 96 1.70 17.10 -8.55
N MET A 1 -3.51 12.55 1.91
CA MET A 1 -2.09 12.82 1.55
C MET A 1 -1.91 12.79 0.04
N LEU A 2 -2.20 11.68 -0.57
CA LEU A 2 -2.06 11.58 -2.05
C LEU A 2 -3.32 12.03 -2.76
N THR A 3 -3.16 12.40 -4.00
CA THR A 3 -4.31 12.91 -4.79
C THR A 3 -4.49 12.07 -6.06
N GLY A 4 -5.60 12.24 -6.72
CA GLY A 4 -5.88 11.45 -7.96
C GLY A 4 -4.69 11.51 -8.93
N LYS A 5 -4.09 12.66 -9.10
CA LYS A 5 -2.94 12.76 -10.06
C LYS A 5 -1.71 12.02 -9.53
N GLN A 6 -1.32 12.27 -8.31
CA GLN A 6 -0.12 11.57 -7.78
C GLN A 6 -0.37 10.06 -7.79
N LYS A 7 -1.61 9.68 -7.70
CA LYS A 7 -1.96 8.23 -7.74
C LYS A 7 -1.61 7.67 -9.11
N ARG A 8 -1.97 8.36 -10.15
CA ARG A 8 -1.65 7.86 -11.51
C ARG A 8 -0.17 7.51 -11.64
N TYR A 9 0.69 8.46 -11.32
CA TYR A 9 2.16 8.20 -11.43
C TYR A 9 2.60 7.11 -10.46
N LEU A 10 2.29 7.28 -9.21
CA LEU A 10 2.72 6.29 -8.20
C LEU A 10 2.01 4.95 -8.37
N ARG A 11 0.75 4.96 -8.69
CA ARG A 11 0.02 3.67 -8.85
C ARG A 11 0.81 2.75 -9.79
N SER A 12 1.39 3.32 -10.83
CA SER A 12 2.18 2.50 -11.79
C SER A 12 3.54 2.10 -11.18
N LEU A 13 4.10 2.93 -10.36
CA LEU A 13 5.43 2.60 -9.75
C LEU A 13 5.36 1.26 -9.03
N ALA A 14 4.34 1.06 -8.22
CA ALA A 14 4.19 -0.22 -7.46
C ALA A 14 4.53 -1.44 -8.34
N HIS A 15 4.11 -1.43 -9.57
CA HIS A 15 4.40 -2.59 -10.46
C HIS A 15 5.90 -2.91 -10.44
N ASN A 16 6.72 -1.90 -10.55
CA ASN A 16 8.18 -2.16 -10.53
C ASN A 16 8.60 -2.57 -9.11
N ILE A 17 7.81 -2.24 -8.13
CA ILE A 17 8.15 -2.60 -6.73
C ILE A 17 7.59 -3.97 -6.38
N ASP A 18 8.09 -4.54 -5.33
CA ASP A 18 7.62 -5.89 -4.88
C ASP A 18 6.83 -5.80 -3.58
N PRO A 19 5.89 -6.71 -3.40
CA PRO A 19 5.08 -6.74 -2.15
C PRO A 19 6.00 -7.07 -0.98
N ILE A 20 6.32 -6.12 -0.15
CA ILE A 20 7.25 -6.39 0.98
C ILE A 20 6.60 -7.26 2.08
N PHE A 21 5.29 -7.25 2.22
CA PHE A 21 4.64 -8.13 3.24
C PHE A 21 3.27 -8.59 2.74
N GLN A 22 2.86 -9.78 3.09
CA GLN A 22 1.53 -10.29 2.61
C GLN A 22 0.63 -10.67 3.79
N ILE A 23 -0.66 -10.50 3.61
CA ILE A 23 -1.63 -10.85 4.68
C ILE A 23 -2.14 -12.28 4.44
N GLY A 24 -2.41 -13.02 5.49
CA GLY A 24 -2.94 -14.40 5.29
C GLY A 24 -4.39 -14.29 4.83
N LYS A 25 -5.01 -15.39 4.46
CA LYS A 25 -6.43 -15.29 4.01
C LYS A 25 -7.36 -15.44 5.21
N GLY A 26 -7.75 -14.34 5.79
CA GLY A 26 -8.65 -14.39 6.97
C GLY A 26 -9.08 -12.97 7.35
N GLY A 27 -8.19 -12.02 7.24
CA GLY A 27 -8.54 -10.63 7.59
C GLY A 27 -7.26 -9.85 7.84
N ILE A 28 -7.30 -8.55 7.71
CA ILE A 28 -6.06 -7.77 7.95
C ILE A 28 -5.61 -7.91 9.39
N ASN A 29 -4.47 -8.50 9.62
CA ASN A 29 -3.98 -8.66 11.01
C ASN A 29 -2.86 -7.65 11.30
N GLU A 30 -2.93 -6.97 12.41
CA GLU A 30 -1.87 -5.96 12.73
C GLU A 30 -0.49 -6.60 12.60
N ASN A 31 -0.41 -7.90 12.71
CA ASN A 31 0.93 -8.57 12.57
C ASN A 31 1.53 -8.18 11.22
N MET A 32 0.71 -8.19 10.20
CA MET A 32 1.21 -7.80 8.86
C MET A 32 1.44 -6.29 8.81
N ILE A 33 0.51 -5.52 9.34
CA ILE A 33 0.71 -4.05 9.32
C ILE A 33 1.92 -3.70 10.18
N LYS A 34 2.16 -4.44 11.23
CA LYS A 34 3.35 -4.14 12.09
C LYS A 34 4.59 -4.16 11.20
N GLN A 35 4.69 -5.13 10.34
CA GLN A 35 5.84 -5.20 9.42
C GLN A 35 5.65 -4.19 8.29
N ILE A 36 4.52 -4.22 7.63
CA ILE A 36 4.25 -3.23 6.54
C ILE A 36 4.49 -1.81 7.08
N ASP A 37 4.07 -1.59 8.29
CA ASP A 37 4.24 -0.25 8.92
C ASP A 37 5.71 0.19 8.81
N ASP A 38 6.61 -0.63 9.29
CA ASP A 38 8.06 -0.28 9.23
C ASP A 38 8.53 -0.20 7.78
N THR A 39 7.89 -0.90 6.90
CA THR A 39 8.31 -0.86 5.46
C THR A 39 7.68 0.37 4.81
N LEU A 40 6.50 0.72 5.23
CA LEU A 40 5.80 1.89 4.65
C LEU A 40 6.28 3.16 5.38
N GLU A 41 6.63 3.04 6.64
CA GLU A 41 7.09 4.23 7.40
C GLU A 41 8.57 4.51 7.07
N ASN A 42 9.27 3.54 6.56
CA ASN A 42 10.70 3.75 6.22
C ASN A 42 10.87 4.03 4.72
N ARG A 43 10.00 3.50 3.92
CA ARG A 43 10.10 3.73 2.45
C ARG A 43 9.00 4.70 1.98
N GLU A 44 8.69 4.69 0.71
CA GLU A 44 7.63 5.59 0.20
C GLU A 44 6.52 4.78 -0.45
N LEU A 45 6.85 3.98 -1.43
CA LEU A 45 5.81 3.15 -2.11
C LEU A 45 5.98 1.68 -1.70
N ILE A 46 4.98 1.09 -1.12
CA ILE A 46 5.12 -0.34 -0.70
C ILE A 46 3.98 -1.18 -1.29
N LYS A 47 4.31 -2.30 -1.84
CA LYS A 47 3.27 -3.20 -2.38
C LYS A 47 2.87 -4.17 -1.27
N VAL A 48 1.61 -4.44 -1.09
CA VAL A 48 1.22 -5.35 0.00
C VAL A 48 0.29 -6.44 -0.55
N HIS A 49 0.65 -7.69 -0.41
CA HIS A 49 -0.23 -8.78 -0.93
C HIS A 49 -1.27 -9.18 0.12
N VAL A 50 -2.51 -8.86 -0.12
CA VAL A 50 -3.59 -9.19 0.83
C VAL A 50 -4.37 -10.41 0.34
N LEU A 51 -4.51 -11.38 1.19
CA LEU A 51 -5.22 -12.62 0.82
C LEU A 51 -6.74 -12.51 1.06
N GLN A 52 -7.39 -11.63 0.36
CA GLN A 52 -8.86 -11.50 0.54
C GLN A 52 -9.59 -12.28 -0.55
N ASN A 53 -8.97 -12.40 -1.70
CA ASN A 53 -9.60 -13.16 -2.83
C ASN A 53 -10.93 -12.53 -3.25
N ASN A 54 -11.21 -11.33 -2.81
CA ASN A 54 -12.50 -10.68 -3.20
C ASN A 54 -12.24 -9.33 -3.86
N PHE A 55 -13.20 -8.82 -4.59
CA PHE A 55 -13.01 -7.51 -5.28
C PHE A 55 -13.27 -6.33 -4.33
N ASP A 56 -14.51 -6.11 -3.97
CA ASP A 56 -14.81 -4.95 -3.07
C ASP A 56 -14.43 -5.24 -1.62
N ASP A 57 -13.93 -6.40 -1.35
CA ASP A 57 -13.50 -6.72 0.04
C ASP A 57 -12.01 -6.49 0.16
N LYS A 58 -11.25 -6.98 -0.80
CA LYS A 58 -9.78 -6.75 -0.74
C LYS A 58 -9.53 -5.25 -0.78
N LYS A 59 -10.35 -4.52 -1.50
CA LYS A 59 -10.20 -3.05 -1.57
C LYS A 59 -10.59 -2.46 -0.21
N GLU A 60 -11.72 -2.86 0.32
CA GLU A 60 -12.13 -2.36 1.65
C GLU A 60 -11.03 -2.66 2.66
N LEU A 61 -10.40 -3.80 2.54
CA LEU A 61 -9.30 -4.15 3.47
C LEU A 61 -8.25 -3.03 3.42
N ALA A 62 -7.93 -2.56 2.25
CA ALA A 62 -6.93 -1.46 2.16
C ALA A 62 -7.47 -0.25 2.94
N GLU A 63 -8.75 0.00 2.88
CA GLU A 63 -9.30 1.15 3.66
C GLU A 63 -8.83 1.06 5.10
N THR A 64 -8.64 -0.14 5.54
CA THR A 64 -8.13 -0.38 6.91
C THR A 64 -6.61 -0.26 6.93
N LEU A 65 -5.96 -0.67 5.86
CA LEU A 65 -4.47 -0.57 5.82
C LEU A 65 -4.07 0.86 5.46
N SER A 66 -4.59 1.39 4.39
CA SER A 66 -4.23 2.79 3.99
C SER A 66 -4.47 3.73 5.18
N GLU A 67 -5.55 3.55 5.89
CA GLU A 67 -5.83 4.44 7.05
C GLU A 67 -4.92 4.06 8.23
N ALA A 68 -4.63 2.80 8.38
CA ALA A 68 -3.76 2.35 9.50
C ALA A 68 -2.29 2.68 9.19
N THR A 69 -1.92 2.65 7.94
CA THR A 69 -0.50 2.96 7.57
C THR A 69 -0.30 4.47 7.44
N ARG A 70 -1.28 5.27 7.82
CA ARG A 70 -1.12 6.74 7.70
C ARG A 70 -0.64 7.09 6.28
N SER A 71 -1.25 6.49 5.30
CA SER A 71 -0.83 6.74 3.89
C SER A 71 -2.05 6.80 2.97
N GLU A 72 -1.83 6.81 1.67
CA GLU A 72 -2.98 6.87 0.74
C GLU A 72 -2.85 5.81 -0.37
N LEU A 73 -3.78 4.90 -0.45
CA LEU A 73 -3.73 3.85 -1.50
C LEU A 73 -3.76 4.43 -2.90
N VAL A 74 -2.66 4.46 -3.61
CA VAL A 74 -2.74 4.95 -5.00
C VAL A 74 -3.52 3.89 -5.77
N GLN A 75 -3.39 2.63 -5.38
CA GLN A 75 -4.17 1.55 -6.07
C GLN A 75 -3.92 0.18 -5.50
N VAL A 76 -4.67 -0.76 -5.99
CA VAL A 76 -4.58 -2.14 -5.49
C VAL A 76 -4.27 -3.09 -6.68
N ILE A 77 -3.12 -3.70 -6.68
CA ILE A 77 -2.76 -4.60 -7.81
C ILE A 77 -3.29 -6.02 -7.56
N GLY A 78 -4.41 -6.36 -8.15
CA GLY A 78 -4.98 -7.72 -7.97
C GLY A 78 -5.01 -8.08 -6.47
N SER A 79 -4.21 -9.02 -6.07
CA SER A 79 -4.19 -9.43 -4.63
C SER A 79 -3.20 -8.56 -3.85
N MET A 80 -2.76 -7.48 -4.42
CA MET A 80 -1.79 -6.61 -3.70
C MET A 80 -2.34 -5.18 -3.54
N ILE A 81 -1.83 -4.44 -2.58
CA ILE A 81 -2.31 -3.05 -2.36
C ILE A 81 -1.16 -2.06 -2.55
N VAL A 82 -1.40 -0.98 -3.24
CA VAL A 82 -0.32 0.02 -3.47
C VAL A 82 -0.55 1.28 -2.63
N ILE A 83 0.28 1.51 -1.64
CA ILE A 83 0.07 2.73 -0.80
C ILE A 83 1.34 3.56 -0.72
N TYR A 84 1.20 4.85 -0.76
CA TYR A 84 2.39 5.75 -0.66
C TYR A 84 2.23 6.63 0.58
N ARG A 85 3.02 6.41 1.60
CA ARG A 85 2.88 7.23 2.85
C ARG A 85 3.85 8.41 2.84
N GLU A 86 3.31 9.60 2.84
CA GLU A 86 4.13 10.88 2.87
C GLU A 86 5.56 10.68 2.33
N SER A 87 6.52 11.38 2.89
CA SER A 87 7.93 11.24 2.43
C SER A 87 8.84 10.98 3.62
N LYS A 88 9.87 10.20 3.45
CA LYS A 88 10.79 9.93 4.58
C LYS A 88 12.17 9.63 4.00
N GLU A 89 12.27 8.59 3.22
CA GLU A 89 13.56 8.28 2.58
C GLU A 89 13.58 8.94 1.22
N ASN A 90 14.55 9.78 0.98
CA ASN A 90 14.62 10.50 -0.33
C ASN A 90 14.79 9.52 -1.48
N LYS A 91 13.73 8.89 -1.87
CA LYS A 91 13.76 7.93 -3.00
C LYS A 91 13.25 8.67 -4.24
N GLU A 92 13.58 8.20 -5.42
CA GLU A 92 13.10 8.91 -6.65
C GLU A 92 11.57 8.80 -6.69
N ILE A 93 10.91 9.55 -5.86
CA ILE A 93 9.43 9.51 -5.78
C ILE A 93 8.83 10.80 -6.35
N GLU A 94 7.77 10.68 -7.11
CA GLU A 94 7.12 11.90 -7.68
C GLU A 94 5.77 12.11 -7.04
N LEU A 95 5.31 13.32 -7.01
CA LEU A 95 3.98 13.58 -6.44
C LEU A 95 3.53 15.00 -6.75
N PRO A 96 3.34 15.26 -8.02
CA PRO A 96 2.91 16.61 -8.47
C PRO A 96 1.45 16.87 -8.08
N MET A 1 -3.86 12.98 1.55
CA MET A 1 -2.53 13.54 1.14
C MET A 1 -2.30 13.34 -0.35
N LEU A 2 -2.42 12.13 -0.82
CA LEU A 2 -2.20 11.87 -2.27
C LEU A 2 -3.44 12.21 -3.08
N THR A 3 -3.22 12.62 -4.29
CA THR A 3 -4.34 13.02 -5.14
C THR A 3 -4.35 12.20 -6.45
N GLY A 4 -5.43 12.28 -7.19
CA GLY A 4 -5.53 11.51 -8.46
C GLY A 4 -4.26 11.64 -9.30
N LYS A 5 -3.78 12.84 -9.50
CA LYS A 5 -2.55 13.01 -10.33
C LYS A 5 -1.35 12.30 -9.69
N GLN A 6 -1.18 12.41 -8.41
CA GLN A 6 -0.03 11.74 -7.76
C GLN A 6 -0.26 10.23 -7.78
N LYS A 7 -1.50 9.82 -7.78
CA LYS A 7 -1.83 8.37 -7.84
C LYS A 7 -1.43 7.84 -9.22
N ARG A 8 -1.69 8.58 -10.26
CA ARG A 8 -1.32 8.11 -11.61
C ARG A 8 0.17 7.74 -11.66
N TYR A 9 1.02 8.66 -11.26
CA TYR A 9 2.48 8.38 -11.28
C TYR A 9 2.84 7.24 -10.32
N LEU A 10 2.38 7.33 -9.12
CA LEU A 10 2.72 6.30 -8.10
C LEU A 10 1.99 4.99 -8.36
N ARG A 11 0.71 5.03 -8.62
CA ARG A 11 -0.03 3.76 -8.84
C ARG A 11 0.71 2.90 -9.88
N SER A 12 1.37 3.53 -10.82
CA SER A 12 2.11 2.77 -11.86
C SER A 12 3.46 2.28 -11.32
N LEU A 13 4.09 3.05 -10.48
CA LEU A 13 5.40 2.62 -9.92
C LEU A 13 5.27 1.26 -9.25
N ALA A 14 4.29 1.12 -8.40
CA ALA A 14 4.09 -0.18 -7.68
C ALA A 14 4.01 -1.36 -8.66
N HIS A 15 3.69 -1.10 -9.89
CA HIS A 15 3.55 -2.21 -10.88
C HIS A 15 4.82 -3.08 -10.98
N ASN A 16 5.98 -2.48 -11.05
CA ASN A 16 7.22 -3.30 -11.18
C ASN A 16 7.91 -3.52 -9.83
N ILE A 17 7.26 -3.19 -8.74
CA ILE A 17 7.89 -3.35 -7.41
C ILE A 17 7.39 -4.66 -6.77
N ASP A 18 7.96 -5.01 -5.64
CA ASP A 18 7.53 -6.27 -4.95
C ASP A 18 6.68 -5.96 -3.72
N PRO A 19 5.76 -6.84 -3.41
CA PRO A 19 4.87 -6.64 -2.24
C PRO A 19 5.68 -6.59 -0.94
N ILE A 20 5.80 -5.42 -0.36
CA ILE A 20 6.58 -5.28 0.91
C ILE A 20 6.25 -6.42 1.89
N PHE A 21 4.99 -6.66 2.21
CA PHE A 21 4.65 -7.81 3.10
C PHE A 21 3.28 -8.38 2.66
N GLN A 22 2.97 -9.58 3.06
CA GLN A 22 1.68 -10.17 2.62
C GLN A 22 0.65 -10.23 3.75
N ILE A 23 -0.59 -10.02 3.43
CA ILE A 23 -1.68 -10.07 4.47
C ILE A 23 -2.07 -11.55 4.69
N GLY A 24 -2.39 -11.92 5.90
CA GLY A 24 -2.79 -13.33 6.15
C GLY A 24 -4.21 -13.55 5.63
N LYS A 25 -4.55 -14.77 5.30
CA LYS A 25 -5.93 -15.03 4.80
C LYS A 25 -6.92 -15.03 5.96
N GLY A 26 -7.89 -14.17 5.90
CA GLY A 26 -8.90 -14.09 6.99
C GLY A 26 -9.25 -12.63 7.25
N GLY A 27 -8.27 -11.76 7.23
CA GLY A 27 -8.54 -10.32 7.47
C GLY A 27 -7.24 -9.63 7.82
N ILE A 28 -7.18 -8.34 7.69
CA ILE A 28 -5.90 -7.65 8.02
C ILE A 28 -5.59 -7.81 9.52
N ASN A 29 -4.52 -8.47 9.82
CA ASN A 29 -4.15 -8.66 11.26
C ASN A 29 -3.07 -7.66 11.68
N GLU A 30 -3.19 -7.06 12.84
CA GLU A 30 -2.15 -6.08 13.26
C GLU A 30 -0.78 -6.73 13.21
N ASN A 31 -0.63 -7.92 13.72
CA ASN A 31 0.70 -8.60 13.67
C ASN A 31 1.24 -8.53 12.24
N MET A 32 0.40 -8.83 11.29
CA MET A 32 0.83 -8.74 9.88
C MET A 32 1.17 -7.28 9.57
N ILE A 33 0.45 -6.35 10.17
CA ILE A 33 0.77 -4.92 9.91
C ILE A 33 1.99 -4.50 10.74
N LYS A 34 2.25 -5.18 11.84
CA LYS A 34 3.43 -4.82 12.65
C LYS A 34 4.64 -4.84 11.72
N GLN A 35 4.62 -5.76 10.80
CA GLN A 35 5.71 -5.84 9.79
C GLN A 35 5.55 -4.69 8.80
N ILE A 36 4.39 -4.59 8.19
CA ILE A 36 4.13 -3.48 7.23
C ILE A 36 4.42 -2.15 7.91
N ASP A 37 4.32 -2.12 9.21
CA ASP A 37 4.57 -0.87 9.98
C ASP A 37 6.04 -0.44 9.81
N ASP A 38 6.95 -1.29 10.16
CA ASP A 38 8.40 -0.94 10.02
C ASP A 38 8.71 -0.56 8.57
N THR A 39 8.05 -1.19 7.64
CA THR A 39 8.30 -0.88 6.20
C THR A 39 7.55 0.41 5.81
N LEU A 40 6.27 0.47 6.05
CA LEU A 40 5.53 1.72 5.70
C LEU A 40 6.11 2.86 6.54
N GLU A 41 6.64 2.54 7.69
CA GLU A 41 7.27 3.60 8.53
C GLU A 41 8.46 4.15 7.75
N ASN A 42 9.13 3.30 7.02
CA ASN A 42 10.28 3.77 6.19
C ASN A 42 9.75 4.71 5.11
N ARG A 43 8.46 4.62 4.83
CA ARG A 43 7.79 5.51 3.80
C ARG A 43 8.07 5.02 2.37
N GLU A 44 8.03 5.92 1.41
CA GLU A 44 8.26 5.55 -0.03
C GLU A 44 7.03 4.82 -0.59
N LEU A 45 7.24 3.90 -1.50
CA LEU A 45 6.09 3.16 -2.11
C LEU A 45 6.02 1.73 -1.58
N ILE A 46 4.92 1.36 -0.96
CA ILE A 46 4.79 -0.04 -0.43
C ILE A 46 3.71 -0.81 -1.19
N LYS A 47 4.03 -1.99 -1.60
CA LYS A 47 3.06 -2.85 -2.34
C LYS A 47 2.63 -3.97 -1.38
N VAL A 48 1.38 -4.20 -1.18
CA VAL A 48 1.00 -5.25 -0.21
C VAL A 48 0.04 -6.28 -0.82
N HIS A 49 0.33 -7.55 -0.66
CA HIS A 49 -0.58 -8.60 -1.22
C HIS A 49 -1.65 -9.00 -0.20
N VAL A 50 -2.89 -9.10 -0.62
CA VAL A 50 -3.98 -9.49 0.33
C VAL A 50 -4.36 -10.95 0.12
N LEU A 51 -4.32 -11.71 1.18
CA LEU A 51 -4.66 -13.15 1.09
C LEU A 51 -6.17 -13.39 1.00
N GLN A 52 -6.94 -12.36 0.81
CA GLN A 52 -8.42 -12.57 0.71
C GLN A 52 -8.80 -12.91 -0.74
N ASN A 53 -8.00 -12.48 -1.68
CA ASN A 53 -8.30 -12.78 -3.11
C ASN A 53 -9.70 -12.30 -3.48
N ASN A 54 -10.10 -11.15 -3.00
CA ASN A 54 -11.46 -10.64 -3.33
C ASN A 54 -11.35 -9.30 -4.09
N PHE A 55 -12.32 -8.98 -4.89
CA PHE A 55 -12.27 -7.70 -5.66
C PHE A 55 -12.62 -6.50 -4.76
N ASP A 56 -13.88 -6.19 -4.60
CA ASP A 56 -14.24 -5.02 -3.76
C ASP A 56 -14.00 -5.29 -2.28
N ASP A 57 -13.67 -6.49 -1.94
CA ASP A 57 -13.41 -6.81 -0.51
C ASP A 57 -11.93 -6.57 -0.22
N LYS A 58 -11.06 -6.98 -1.11
CA LYS A 58 -9.60 -6.75 -0.87
C LYS A 58 -9.35 -5.24 -0.83
N LYS A 59 -10.06 -4.49 -1.63
CA LYS A 59 -9.87 -3.01 -1.63
C LYS A 59 -10.32 -2.47 -0.27
N GLU A 60 -11.46 -2.89 0.21
CA GLU A 60 -11.93 -2.42 1.55
C GLU A 60 -10.84 -2.71 2.58
N LEU A 61 -10.19 -3.85 2.46
CA LEU A 61 -9.11 -4.18 3.42
C LEU A 61 -8.10 -3.04 3.44
N ALA A 62 -7.71 -2.55 2.29
CA ALA A 62 -6.75 -1.41 2.27
C ALA A 62 -7.33 -0.26 3.09
N GLU A 63 -8.62 -0.06 3.00
CA GLU A 63 -9.24 1.03 3.81
C GLU A 63 -8.81 0.89 5.26
N THR A 64 -8.59 -0.31 5.66
CA THR A 64 -8.12 -0.59 7.04
C THR A 64 -6.60 -0.43 7.09
N LEU A 65 -5.92 -0.76 6.02
CA LEU A 65 -4.43 -0.61 6.02
C LEU A 65 -4.07 0.85 5.75
N SER A 66 -4.59 1.43 4.71
CA SER A 66 -4.28 2.86 4.42
C SER A 66 -4.54 3.71 5.66
N GLU A 67 -5.59 3.41 6.39
CA GLU A 67 -5.90 4.21 7.61
C GLU A 67 -4.93 3.84 8.75
N ALA A 68 -4.49 2.61 8.79
CA ALA A 68 -3.55 2.20 9.88
C ALA A 68 -2.09 2.39 9.44
N THR A 69 -1.86 2.60 8.17
CA THR A 69 -0.47 2.80 7.69
C THR A 69 -0.12 4.29 7.60
N ARG A 70 -1.05 5.16 7.93
CA ARG A 70 -0.76 6.61 7.85
C ARG A 70 -0.25 6.97 6.45
N SER A 71 -0.81 6.37 5.45
CA SER A 71 -0.35 6.65 4.06
C SER A 71 -1.55 6.87 3.13
N GLU A 72 -1.32 6.93 1.84
CA GLU A 72 -2.46 7.15 0.90
C GLU A 72 -2.44 6.13 -0.24
N LEU A 73 -3.45 5.29 -0.30
CA LEU A 73 -3.51 4.26 -1.37
C LEU A 73 -3.57 4.87 -2.78
N VAL A 74 -2.51 4.82 -3.53
CA VAL A 74 -2.63 5.32 -4.92
C VAL A 74 -3.57 4.33 -5.63
N GLN A 75 -3.38 3.05 -5.37
CA GLN A 75 -4.29 2.04 -5.97
C GLN A 75 -3.94 0.62 -5.61
N VAL A 76 -4.63 -0.29 -6.21
CA VAL A 76 -4.43 -1.72 -5.89
C VAL A 76 -4.06 -2.49 -7.17
N ILE A 77 -3.05 -3.31 -7.11
CA ILE A 77 -2.65 -4.08 -8.32
C ILE A 77 -3.17 -5.52 -8.22
N GLY A 78 -4.27 -5.81 -8.87
CA GLY A 78 -4.83 -7.19 -8.83
C GLY A 78 -4.92 -7.69 -7.37
N SER A 79 -3.97 -8.49 -6.96
CA SER A 79 -4.00 -9.01 -5.56
C SER A 79 -3.06 -8.22 -4.66
N MET A 80 -2.60 -7.08 -5.11
CA MET A 80 -1.67 -6.28 -4.27
C MET A 80 -2.25 -4.88 -4.04
N ILE A 81 -1.91 -4.25 -2.95
CA ILE A 81 -2.43 -2.88 -2.68
C ILE A 81 -1.26 -1.90 -2.78
N VAL A 82 -1.46 -0.80 -3.42
CA VAL A 82 -0.35 0.19 -3.58
C VAL A 82 -0.56 1.41 -2.70
N ILE A 83 0.24 1.57 -1.69
CA ILE A 83 0.08 2.76 -0.82
C ILE A 83 1.37 3.57 -0.76
N TYR A 84 1.26 4.86 -0.72
CA TYR A 84 2.47 5.71 -0.65
C TYR A 84 2.46 6.49 0.68
N ARG A 85 3.35 6.17 1.58
CA ARG A 85 3.37 6.92 2.87
C ARG A 85 4.25 8.17 2.75
N GLU A 86 3.63 9.34 2.84
CA GLU A 86 4.35 10.67 2.77
C GLU A 86 5.75 10.58 2.14
N SER A 87 6.69 11.38 2.61
CA SER A 87 8.07 11.34 2.04
C SER A 87 9.10 11.25 3.16
N LYS A 88 10.18 10.57 2.92
CA LYS A 88 11.23 10.46 3.97
C LYS A 88 12.55 10.15 3.27
N GLU A 89 12.63 9.02 2.63
CA GLU A 89 13.85 8.69 1.88
C GLU A 89 13.62 9.11 0.43
N ASN A 90 14.48 9.93 -0.10
CA ASN A 90 14.29 10.41 -1.51
C ASN A 90 14.31 9.25 -2.50
N LYS A 91 13.23 8.54 -2.56
CA LYS A 91 13.10 7.41 -3.52
C LYS A 91 12.46 7.95 -4.78
N GLU A 92 12.60 7.30 -5.90
CA GLU A 92 11.98 7.85 -7.14
C GLU A 92 10.45 7.82 -7.00
N ILE A 93 9.95 8.69 -6.17
CA ILE A 93 8.48 8.77 -5.92
C ILE A 93 7.94 10.07 -6.51
N GLU A 94 6.83 10.02 -7.18
CA GLU A 94 6.27 11.27 -7.76
C GLU A 94 5.08 11.75 -6.96
N LEU A 95 4.84 13.02 -6.96
CA LEU A 95 3.67 13.54 -6.24
C LEU A 95 3.53 15.05 -6.45
N PRO A 96 3.26 15.42 -7.69
CA PRO A 96 3.11 16.85 -8.04
C PRO A 96 1.77 17.38 -7.53
N MET A 1 -1.00 13.85 2.19
CA MET A 1 -1.99 12.91 1.59
C MET A 1 -1.73 12.72 0.10
N LEU A 2 -2.53 11.94 -0.55
CA LEU A 2 -2.33 11.73 -2.00
C LEU A 2 -3.54 12.22 -2.78
N THR A 3 -3.31 12.58 -4.00
CA THR A 3 -4.39 13.11 -4.86
C THR A 3 -4.53 12.26 -6.13
N GLY A 4 -5.59 12.45 -6.85
CA GLY A 4 -5.80 11.66 -8.11
C GLY A 4 -4.57 11.70 -9.00
N LYS A 5 -4.00 12.86 -9.21
CA LYS A 5 -2.80 12.96 -10.09
C LYS A 5 -1.60 12.21 -9.49
N GLN A 6 -1.38 12.31 -8.21
CA GLN A 6 -0.24 11.60 -7.60
C GLN A 6 -0.47 10.09 -7.72
N LYS A 7 -1.69 9.68 -7.55
CA LYS A 7 -2.04 8.24 -7.66
C LYS A 7 -1.61 7.73 -9.04
N ARG A 8 -1.84 8.49 -10.07
CA ARG A 8 -1.44 8.04 -11.43
C ARG A 8 0.06 7.73 -11.49
N TYR A 9 0.88 8.67 -11.13
CA TYR A 9 2.36 8.45 -11.16
C TYR A 9 2.76 7.35 -10.19
N LEU A 10 2.25 7.43 -8.99
CA LEU A 10 2.62 6.42 -7.97
C LEU A 10 2.00 5.06 -8.23
N ARG A 11 0.75 5.03 -8.65
CA ARG A 11 0.10 3.72 -8.91
C ARG A 11 0.99 2.86 -9.81
N SER A 12 1.58 3.45 -10.81
CA SER A 12 2.47 2.68 -11.71
C SER A 12 3.84 2.46 -11.05
N LEU A 13 4.24 3.36 -10.19
CA LEU A 13 5.56 3.20 -9.51
C LEU A 13 5.60 1.92 -8.69
N ALA A 14 4.61 1.71 -7.86
CA ALA A 14 4.58 0.50 -7.00
C ALA A 14 4.47 -0.79 -7.84
N HIS A 15 4.20 -0.66 -9.11
CA HIS A 15 4.05 -1.87 -9.97
C HIS A 15 5.40 -2.56 -10.19
N ASN A 16 6.42 -1.80 -10.51
CA ASN A 16 7.76 -2.42 -10.75
C ASN A 16 8.46 -2.73 -9.43
N ILE A 17 7.86 -2.40 -8.33
CA ILE A 17 8.49 -2.66 -7.01
C ILE A 17 7.96 -3.97 -6.42
N ASP A 18 8.59 -4.45 -5.38
CA ASP A 18 8.13 -5.74 -4.77
C ASP A 18 7.49 -5.53 -3.38
N PRO A 19 6.51 -6.36 -3.07
CA PRO A 19 5.85 -6.31 -1.75
C PRO A 19 6.78 -6.90 -0.67
N ILE A 20 6.70 -6.40 0.53
CA ILE A 20 7.55 -6.94 1.66
C ILE A 20 6.64 -7.59 2.70
N PHE A 21 5.41 -7.17 2.72
CA PHE A 21 4.43 -7.68 3.71
C PHE A 21 3.35 -8.51 3.02
N GLN A 22 2.89 -9.56 3.65
CA GLN A 22 1.86 -10.43 3.03
C GLN A 22 0.77 -10.77 4.06
N ILE A 23 -0.46 -10.39 3.79
CA ILE A 23 -1.57 -10.71 4.74
C ILE A 23 -2.11 -12.10 4.43
N GLY A 24 -2.51 -12.83 5.44
CA GLY A 24 -3.09 -14.19 5.20
C GLY A 24 -4.58 -14.03 4.94
N LYS A 25 -5.21 -15.02 4.36
CA LYS A 25 -6.66 -14.88 4.08
C LYS A 25 -7.46 -14.98 5.38
N GLY A 26 -8.05 -13.89 5.79
CA GLY A 26 -8.85 -13.90 7.05
C GLY A 26 -9.22 -12.46 7.41
N GLY A 27 -8.29 -11.55 7.25
CA GLY A 27 -8.58 -10.13 7.57
C GLY A 27 -7.27 -9.42 7.85
N ILE A 28 -7.20 -8.14 7.62
CA ILE A 28 -5.93 -7.44 7.88
C ILE A 28 -5.61 -7.46 9.37
N ASN A 29 -4.55 -8.10 9.76
CA ASN A 29 -4.21 -8.16 11.20
C ASN A 29 -3.06 -7.19 11.53
N GLU A 30 -3.06 -6.64 12.73
CA GLU A 30 -1.95 -5.69 13.08
C GLU A 30 -0.60 -6.40 12.96
N ASN A 31 -0.56 -7.69 13.19
CA ASN A 31 0.74 -8.42 13.06
C ASN A 31 1.35 -8.08 11.71
N MET A 32 0.53 -8.03 10.69
CA MET A 32 1.04 -7.66 9.35
C MET A 32 1.31 -6.16 9.32
N ILE A 33 0.56 -5.39 10.08
CA ILE A 33 0.85 -3.92 10.10
C ILE A 33 2.13 -3.68 10.89
N LYS A 34 2.42 -4.53 11.85
CA LYS A 34 3.68 -4.35 12.62
C LYS A 34 4.84 -4.35 11.62
N GLN A 35 4.81 -5.29 10.71
CA GLN A 35 5.87 -5.35 9.67
C GLN A 35 5.63 -4.23 8.67
N ILE A 36 4.45 -4.13 8.11
CA ILE A 36 4.16 -3.04 7.14
C ILE A 36 4.52 -1.71 7.75
N ASP A 37 4.34 -1.58 9.03
CA ASP A 37 4.67 -0.30 9.71
C ASP A 37 6.13 0.06 9.43
N ASP A 38 7.04 -0.83 9.73
CA ASP A 38 8.49 -0.56 9.49
C ASP A 38 8.79 -0.60 7.98
N THR A 39 8.16 -1.49 7.27
CA THR A 39 8.38 -1.59 5.79
C THR A 39 8.06 -0.25 5.12
N LEU A 40 6.96 0.36 5.48
CA LEU A 40 6.61 1.68 4.86
C LEU A 40 7.25 2.82 5.65
N GLU A 41 7.42 2.67 6.93
CA GLU A 41 8.05 3.76 7.75
C GLU A 41 9.47 4.03 7.24
N ASN A 42 10.04 3.11 6.51
CA ASN A 42 11.42 3.33 5.97
C ASN A 42 11.36 3.58 4.46
N ARG A 43 10.34 3.10 3.81
CA ARG A 43 10.22 3.32 2.34
C ARG A 43 9.19 4.41 2.04
N GLU A 44 8.86 4.62 0.80
CA GLU A 44 7.86 5.66 0.45
C GLU A 44 6.64 5.03 -0.24
N LEU A 45 6.88 4.10 -1.14
CA LEU A 45 5.75 3.44 -1.85
C LEU A 45 5.62 2.00 -1.34
N ILE A 46 4.43 1.58 -1.01
CA ILE A 46 4.26 0.20 -0.48
C ILE A 46 3.26 -0.62 -1.31
N LYS A 47 3.73 -1.69 -1.88
CA LYS A 47 2.82 -2.61 -2.66
C LYS A 47 2.57 -3.82 -1.77
N VAL A 48 1.41 -3.95 -1.20
CA VAL A 48 1.19 -5.08 -0.27
C VAL A 48 0.42 -6.22 -0.93
N HIS A 49 0.70 -7.44 -0.57
CA HIS A 49 -0.06 -8.58 -1.15
C HIS A 49 -1.08 -9.09 -0.12
N VAL A 50 -2.33 -8.78 -0.31
CA VAL A 50 -3.37 -9.22 0.68
C VAL A 50 -4.07 -10.49 0.23
N LEU A 51 -4.31 -11.36 1.16
CA LEU A 51 -4.99 -12.64 0.85
C LEU A 51 -6.51 -12.50 0.95
N GLN A 52 -7.05 -11.44 0.42
CA GLN A 52 -8.53 -11.25 0.48
C GLN A 52 -9.22 -11.95 -0.70
N ASN A 53 -8.47 -12.35 -1.69
CA ASN A 53 -9.08 -13.06 -2.88
C ASN A 53 -10.04 -12.14 -3.63
N ASN A 54 -11.19 -11.88 -3.08
CA ASN A 54 -12.17 -10.99 -3.77
C ASN A 54 -11.57 -9.61 -4.02
N PHE A 55 -12.02 -8.92 -5.03
CA PHE A 55 -11.47 -7.56 -5.31
C PHE A 55 -12.17 -6.50 -4.46
N ASP A 56 -13.48 -6.40 -4.55
CA ASP A 56 -14.19 -5.37 -3.74
C ASP A 56 -13.90 -5.57 -2.26
N ASP A 57 -13.49 -6.74 -1.90
CA ASP A 57 -13.16 -7.01 -0.47
C ASP A 57 -11.76 -6.49 -0.19
N LYS A 58 -10.87 -6.64 -1.14
CA LYS A 58 -9.48 -6.14 -0.96
C LYS A 58 -9.51 -4.62 -0.81
N LYS A 59 -10.32 -3.96 -1.59
CA LYS A 59 -10.41 -2.48 -1.49
C LYS A 59 -10.83 -2.09 -0.07
N GLU A 60 -11.89 -2.66 0.43
CA GLU A 60 -12.34 -2.33 1.81
C GLU A 60 -11.17 -2.56 2.77
N LEU A 61 -10.46 -3.65 2.60
CA LEU A 61 -9.29 -3.92 3.49
C LEU A 61 -8.37 -2.71 3.44
N ALA A 62 -8.27 -2.07 2.29
CA ALA A 62 -7.42 -0.86 2.21
C ALA A 62 -7.98 0.17 3.17
N GLU A 63 -9.27 0.16 3.38
CA GLU A 63 -9.86 1.13 4.35
C GLU A 63 -9.16 0.93 5.69
N THR A 64 -8.82 -0.28 5.95
CA THR A 64 -8.09 -0.62 7.20
C THR A 64 -6.60 -0.38 7.00
N LEU A 65 -6.02 -0.95 5.98
CA LEU A 65 -4.56 -0.74 5.74
C LEU A 65 -4.27 0.74 5.50
N SER A 66 -4.97 1.34 4.57
CA SER A 66 -4.73 2.79 4.30
C SER A 66 -4.88 3.60 5.59
N GLU A 67 -5.90 3.33 6.36
CA GLU A 67 -6.10 4.09 7.63
C GLU A 67 -5.00 3.71 8.64
N ALA A 68 -4.63 2.46 8.68
CA ALA A 68 -3.56 2.05 9.65
C ALA A 68 -2.18 2.50 9.15
N THR A 69 -1.99 2.52 7.86
CA THR A 69 -0.67 2.94 7.31
C THR A 69 -0.61 4.47 7.16
N ARG A 70 -1.69 5.16 7.47
CA ARG A 70 -1.67 6.65 7.34
C ARG A 70 -1.20 7.06 5.94
N SER A 71 -1.50 6.25 4.96
CA SER A 71 -1.08 6.58 3.57
C SER A 71 -2.30 6.65 2.66
N GLU A 72 -2.10 6.67 1.36
CA GLU A 72 -3.27 6.74 0.44
C GLU A 72 -3.16 5.68 -0.67
N LEU A 73 -4.14 4.83 -0.79
CA LEU A 73 -4.10 3.79 -1.84
C LEU A 73 -4.03 4.38 -3.25
N VAL A 74 -2.90 4.34 -3.90
CA VAL A 74 -2.89 4.84 -5.29
C VAL A 74 -3.65 3.81 -6.13
N GLN A 75 -3.64 2.56 -5.72
CA GLN A 75 -4.41 1.52 -6.46
C GLN A 75 -4.26 0.14 -5.87
N VAL A 76 -5.07 -0.75 -6.36
CA VAL A 76 -5.07 -2.13 -5.85
C VAL A 76 -4.83 -3.12 -7.01
N ILE A 77 -3.68 -3.71 -7.06
CA ILE A 77 -3.39 -4.70 -8.15
C ILE A 77 -3.95 -6.07 -7.75
N GLY A 78 -4.25 -6.92 -8.69
CA GLY A 78 -4.82 -8.27 -8.38
C GLY A 78 -4.08 -8.89 -7.18
N SER A 79 -4.74 -8.96 -6.04
CA SER A 79 -4.12 -9.55 -4.80
C SER A 79 -3.06 -8.62 -4.21
N MET A 80 -2.79 -7.50 -4.84
CA MET A 80 -1.77 -6.57 -4.30
C MET A 80 -2.38 -5.18 -4.05
N ILE A 81 -1.95 -4.50 -3.03
CA ILE A 81 -2.51 -3.14 -2.76
C ILE A 81 -1.39 -2.10 -2.98
N VAL A 82 -1.70 -1.03 -3.64
CA VAL A 82 -0.68 0.01 -3.93
C VAL A 82 -0.91 1.25 -3.08
N ILE A 83 -0.04 1.52 -2.13
CA ILE A 83 -0.22 2.70 -1.24
C ILE A 83 1.08 3.49 -1.08
N TYR A 84 0.97 4.73 -0.71
CA TYR A 84 2.18 5.58 -0.52
C TYR A 84 2.08 6.34 0.81
N ARG A 85 2.88 6.01 1.78
CA ARG A 85 2.81 6.74 3.07
C ARG A 85 3.82 7.91 3.10
N GLU A 86 3.30 9.13 3.17
CA GLU A 86 4.17 10.37 3.22
C GLU A 86 5.53 10.17 2.52
N SER A 87 6.55 10.81 3.02
CA SER A 87 7.91 10.65 2.42
C SER A 87 8.92 10.31 3.52
N LYS A 88 9.91 9.52 3.20
CA LYS A 88 10.92 9.17 4.23
C LYS A 88 12.23 8.91 3.52
N GLU A 89 12.26 7.93 2.68
CA GLU A 89 13.51 7.65 1.93
C GLU A 89 13.38 8.31 0.55
N ASN A 90 14.30 9.17 0.23
CA ASN A 90 14.24 9.89 -1.08
C ASN A 90 14.28 8.91 -2.25
N LYS A 91 13.16 8.32 -2.55
CA LYS A 91 13.06 7.37 -3.68
C LYS A 91 12.47 8.12 -4.87
N GLU A 92 12.66 7.64 -6.07
CA GLU A 92 12.10 8.39 -7.24
C GLU A 92 10.57 8.36 -7.15
N ILE A 93 10.03 9.15 -6.25
CA ILE A 93 8.56 9.19 -6.05
C ILE A 93 8.02 10.55 -6.52
N GLU A 94 7.02 10.54 -7.35
CA GLU A 94 6.43 11.82 -7.83
C GLU A 94 5.15 12.11 -7.09
N LEU A 95 4.80 13.35 -6.97
CA LEU A 95 3.52 13.66 -6.29
C LEU A 95 3.09 15.10 -6.58
N PRO A 96 2.83 15.37 -7.84
CA PRO A 96 2.41 16.72 -8.25
C PRO A 96 0.96 16.97 -7.84
N MET A 1 -2.68 13.45 1.84
CA MET A 1 -3.31 12.30 1.13
C MET A 1 -2.83 12.24 -0.32
N LEU A 2 -3.30 11.28 -1.07
CA LEU A 2 -2.89 11.19 -2.49
C LEU A 2 -4.08 11.37 -3.41
N THR A 3 -3.84 11.95 -4.53
CA THR A 3 -4.93 12.25 -5.48
C THR A 3 -4.66 11.59 -6.85
N GLY A 4 -5.65 11.59 -7.70
CA GLY A 4 -5.50 10.97 -9.06
C GLY A 4 -4.16 11.36 -9.69
N LYS A 5 -3.89 12.63 -9.79
CA LYS A 5 -2.60 13.06 -10.41
C LYS A 5 -1.42 12.42 -9.68
N GLN A 6 -1.40 12.50 -8.38
CA GLN A 6 -0.29 11.89 -7.61
C GLN A 6 -0.35 10.38 -7.81
N LYS A 7 -1.53 9.86 -7.94
CA LYS A 7 -1.71 8.40 -8.14
C LYS A 7 -1.20 7.99 -9.51
N ARG A 8 -1.55 8.72 -10.53
CA ARG A 8 -1.10 8.35 -11.91
C ARG A 8 0.41 8.11 -11.93
N TYR A 9 1.19 9.03 -11.45
CA TYR A 9 2.67 8.84 -11.46
C TYR A 9 3.08 7.72 -10.52
N LEU A 10 2.66 7.80 -9.30
CA LEU A 10 3.06 6.77 -8.31
C LEU A 10 2.42 5.41 -8.62
N ARG A 11 1.13 5.35 -8.79
CA ARG A 11 0.49 4.03 -9.09
C ARG A 11 1.24 3.35 -10.26
N SER A 12 1.80 4.13 -11.15
CA SER A 12 2.56 3.52 -12.29
C SER A 12 3.79 2.78 -11.74
N LEU A 13 4.52 3.40 -10.85
CA LEU A 13 5.71 2.73 -10.26
C LEU A 13 5.29 1.41 -9.65
N ALA A 14 4.14 1.39 -9.03
CA ALA A 14 3.64 0.15 -8.38
C ALA A 14 3.86 -1.09 -9.26
N HIS A 15 3.91 -0.90 -10.55
CA HIS A 15 4.09 -2.07 -11.48
C HIS A 15 5.48 -2.71 -11.32
N ASN A 16 6.44 -1.97 -10.84
CA ASN A 16 7.81 -2.55 -10.71
C ASN A 16 8.26 -2.57 -9.24
N ILE A 17 7.35 -2.48 -8.32
CA ILE A 17 7.73 -2.51 -6.89
C ILE A 17 7.51 -3.91 -6.34
N ASP A 18 8.08 -4.20 -5.20
CA ASP A 18 7.92 -5.57 -4.61
C ASP A 18 7.11 -5.59 -3.30
N PRO A 19 6.37 -6.66 -3.10
CA PRO A 19 5.59 -6.85 -1.85
C PRO A 19 6.51 -7.44 -0.77
N ILE A 20 6.38 -7.03 0.45
CA ILE A 20 7.23 -7.60 1.55
C ILE A 20 6.33 -8.14 2.69
N PHE A 21 5.12 -7.64 2.76
CA PHE A 21 4.16 -8.05 3.81
C PHE A 21 3.01 -8.83 3.18
N GLN A 22 2.58 -9.89 3.82
CA GLN A 22 1.46 -10.69 3.25
C GLN A 22 0.28 -10.72 4.23
N ILE A 23 -0.85 -10.21 3.83
CA ILE A 23 -2.04 -10.21 4.73
C ILE A 23 -2.67 -11.60 4.71
N GLY A 24 -3.21 -12.04 5.82
CA GLY A 24 -3.85 -13.38 5.86
C GLY A 24 -5.28 -13.27 5.33
N LYS A 25 -6.00 -14.36 5.29
CA LYS A 25 -7.39 -14.31 4.77
C LYS A 25 -8.34 -13.80 5.85
N GLY A 26 -8.00 -13.97 7.09
CA GLY A 26 -8.89 -13.49 8.18
C GLY A 26 -9.20 -12.01 7.97
N GLY A 27 -8.22 -11.25 7.55
CA GLY A 27 -8.45 -9.79 7.32
C GLY A 27 -7.12 -9.08 7.54
N ILE A 28 -7.15 -7.85 7.95
CA ILE A 28 -5.85 -7.15 8.18
C ILE A 28 -5.51 -7.20 9.68
N ASN A 29 -4.44 -7.86 10.04
CA ASN A 29 -4.07 -7.93 11.48
C ASN A 29 -2.90 -6.98 11.77
N GLU A 30 -2.76 -6.53 12.98
CA GLU A 30 -1.61 -5.62 13.31
C GLU A 30 -0.29 -6.35 13.13
N ASN A 31 -0.20 -7.59 13.54
CA ASN A 31 1.09 -8.33 13.37
C ASN A 31 1.57 -8.18 11.92
N MET A 32 0.64 -8.17 11.00
CA MET A 32 1.01 -7.97 9.59
C MET A 32 1.40 -6.51 9.39
N ILE A 33 0.69 -5.60 10.01
CA ILE A 33 1.06 -4.17 9.87
C ILE A 33 2.37 -3.91 10.61
N LYS A 34 2.64 -4.66 11.65
CA LYS A 34 3.93 -4.45 12.39
C LYS A 34 5.05 -4.55 11.36
N GLN A 35 4.98 -5.55 10.52
CA GLN A 35 5.99 -5.69 9.45
C GLN A 35 5.83 -4.53 8.46
N ILE A 36 4.64 -4.34 7.94
CA ILE A 36 4.41 -3.21 6.99
C ILE A 36 4.92 -1.92 7.61
N ASP A 37 4.77 -1.80 8.90
CA ASP A 37 5.22 -0.57 9.59
C ASP A 37 6.67 -0.27 9.21
N ASP A 38 7.56 -1.20 9.42
CA ASP A 38 8.99 -0.98 9.05
C ASP A 38 9.16 -1.08 7.53
N THR A 39 8.47 -2.01 6.92
CA THR A 39 8.56 -2.18 5.44
C THR A 39 8.16 -0.88 4.73
N LEU A 40 7.03 -0.32 5.04
CA LEU A 40 6.60 0.94 4.37
C LEU A 40 7.41 2.12 4.92
N GLU A 41 7.83 2.04 6.16
CA GLU A 41 8.62 3.14 6.75
C GLU A 41 10.02 3.20 6.14
N ASN A 42 10.42 2.18 5.42
CA ASN A 42 11.76 2.18 4.80
C ASN A 42 11.67 2.63 3.33
N ARG A 43 10.61 2.29 2.66
CA ARG A 43 10.47 2.69 1.24
C ARG A 43 9.32 3.70 1.09
N GLU A 44 8.98 4.04 -0.13
CA GLU A 44 7.86 5.01 -0.34
C GLU A 44 6.66 4.31 -1.00
N LEU A 45 6.91 3.35 -1.84
CA LEU A 45 5.79 2.61 -2.50
C LEU A 45 5.70 1.22 -1.88
N ILE A 46 4.53 0.82 -1.44
CA ILE A 46 4.40 -0.51 -0.78
C ILE A 46 3.31 -1.38 -1.44
N LYS A 47 3.70 -2.43 -2.11
CA LYS A 47 2.68 -3.34 -2.73
C LYS A 47 2.31 -4.41 -1.70
N VAL A 48 1.14 -4.36 -1.12
CA VAL A 48 0.84 -5.38 -0.10
C VAL A 48 -0.06 -6.48 -0.69
N HIS A 49 0.20 -7.71 -0.36
CA HIS A 49 -0.66 -8.81 -0.87
C HIS A 49 -1.78 -9.11 0.12
N VAL A 50 -3.01 -9.12 -0.32
CA VAL A 50 -4.14 -9.39 0.63
C VAL A 50 -4.77 -10.74 0.37
N LEU A 51 -4.90 -11.52 1.41
CA LEU A 51 -5.49 -12.87 1.26
C LEU A 51 -7.02 -12.86 1.39
N GLN A 52 -7.64 -11.76 1.10
CA GLN A 52 -9.13 -11.70 1.20
C GLN A 52 -9.78 -12.44 0.02
N ASN A 53 -9.03 -12.67 -1.03
CA ASN A 53 -9.56 -13.39 -2.24
C ASN A 53 -10.66 -12.57 -2.93
N ASN A 54 -11.72 -12.25 -2.24
CA ASN A 54 -12.81 -11.47 -2.88
C ASN A 54 -12.29 -10.13 -3.39
N PHE A 55 -12.91 -9.59 -4.41
CA PHE A 55 -12.43 -8.29 -4.98
C PHE A 55 -12.92 -7.11 -4.13
N ASP A 56 -14.20 -6.83 -4.15
CA ASP A 56 -14.71 -5.67 -3.36
C ASP A 56 -14.27 -5.77 -1.91
N ASP A 57 -13.97 -6.95 -1.48
CA ASP A 57 -13.51 -7.13 -0.08
C ASP A 57 -12.04 -6.74 0.03
N LYS A 58 -11.25 -7.06 -0.97
CA LYS A 58 -9.82 -6.69 -0.94
C LYS A 58 -9.70 -5.17 -0.79
N LYS A 59 -10.53 -4.44 -1.49
CA LYS A 59 -10.49 -2.96 -1.37
C LYS A 59 -10.84 -2.55 0.07
N GLU A 60 -11.78 -3.23 0.66
CA GLU A 60 -12.16 -2.91 2.07
C GLU A 60 -10.92 -3.03 2.96
N LEU A 61 -10.11 -4.03 2.73
CA LEU A 61 -8.88 -4.18 3.57
C LEU A 61 -8.07 -2.88 3.47
N ALA A 62 -7.81 -2.42 2.28
CA ALA A 62 -7.05 -1.14 2.14
C ALA A 62 -7.73 -0.06 2.99
N GLU A 63 -9.00 -0.17 3.20
CA GLU A 63 -9.69 0.85 4.06
C GLU A 63 -9.03 0.84 5.43
N THR A 64 -8.76 -0.33 5.88
CA THR A 64 -8.08 -0.50 7.20
C THR A 64 -6.57 -0.50 7.00
N LEU A 65 -6.10 -1.13 5.95
CA LEU A 65 -4.64 -1.15 5.68
C LEU A 65 -4.15 0.26 5.36
N SER A 66 -4.79 0.92 4.44
CA SER A 66 -4.36 2.32 4.09
C SER A 66 -4.45 3.20 5.34
N GLU A 67 -5.55 3.15 6.05
CA GLU A 67 -5.70 3.99 7.27
C GLU A 67 -4.67 3.57 8.32
N ALA A 68 -4.38 2.30 8.41
CA ALA A 68 -3.40 1.83 9.42
C ALA A 68 -1.97 2.02 8.91
N THR A 69 -1.80 2.06 7.61
CA THR A 69 -0.43 2.26 7.06
C THR A 69 -0.05 3.74 7.05
N ARG A 70 -0.89 4.59 7.59
CA ARG A 70 -0.56 6.05 7.58
C ARG A 70 -0.25 6.49 6.15
N SER A 71 -0.80 5.80 5.19
CA SER A 71 -0.55 6.13 3.76
C SER A 71 -1.88 6.18 3.01
N GLU A 72 -1.91 6.83 1.88
CA GLU A 72 -3.18 6.89 1.10
C GLU A 72 -3.10 5.91 -0.08
N LEU A 73 -4.15 5.18 -0.35
CA LEU A 73 -4.09 4.21 -1.45
C LEU A 73 -3.78 4.87 -2.78
N VAL A 74 -2.83 4.32 -3.46
CA VAL A 74 -2.48 4.82 -4.80
C VAL A 74 -3.18 3.88 -5.80
N GLN A 75 -3.41 2.64 -5.40
CA GLN A 75 -4.14 1.68 -6.29
C GLN A 75 -4.12 0.28 -5.73
N VAL A 76 -4.89 -0.56 -6.32
CA VAL A 76 -5.00 -1.96 -5.88
C VAL A 76 -4.72 -2.87 -7.09
N ILE A 77 -3.60 -3.54 -7.12
CA ILE A 77 -3.30 -4.40 -8.29
C ILE A 77 -3.70 -5.86 -7.98
N GLY A 78 -4.81 -6.30 -8.52
CA GLY A 78 -5.27 -7.70 -8.29
C GLY A 78 -5.23 -8.02 -6.79
N SER A 79 -4.43 -8.98 -6.39
CA SER A 79 -4.34 -9.33 -4.95
C SER A 79 -3.25 -8.49 -4.26
N MET A 80 -2.84 -7.42 -4.88
CA MET A 80 -1.79 -6.56 -4.27
C MET A 80 -2.33 -5.14 -4.08
N ILE A 81 -2.02 -4.52 -2.97
CA ILE A 81 -2.53 -3.13 -2.76
C ILE A 81 -1.40 -2.11 -2.93
N VAL A 82 -1.60 -1.18 -3.81
CA VAL A 82 -0.55 -0.14 -4.08
C VAL A 82 -0.80 1.12 -3.24
N ILE A 83 0.05 1.41 -2.30
CA ILE A 83 -0.18 2.64 -1.47
C ILE A 83 1.10 3.49 -1.37
N TYR A 84 0.92 4.75 -1.15
CA TYR A 84 2.10 5.66 -1.01
C TYR A 84 2.10 6.27 0.40
N ARG A 85 3.08 5.89 1.18
CA ARG A 85 3.18 6.44 2.57
C ARG A 85 3.78 7.84 2.54
N GLU A 86 3.28 8.72 3.39
CA GLU A 86 3.77 10.15 3.42
C GLU A 86 5.30 10.23 3.22
N SER A 87 5.80 11.40 2.99
CA SER A 87 7.26 11.55 2.79
C SER A 87 7.93 11.99 4.07
N LYS A 88 9.11 11.53 4.30
CA LYS A 88 9.85 11.93 5.50
C LYS A 88 11.32 12.02 5.12
N GLU A 89 11.80 10.99 4.48
CA GLU A 89 13.21 11.02 3.99
C GLU A 89 13.16 11.32 2.50
N ASN A 90 13.81 12.36 2.09
CA ASN A 90 13.80 12.75 0.64
C ASN A 90 14.26 11.59 -0.25
N LYS A 91 13.34 10.74 -0.60
CA LYS A 91 13.66 9.59 -1.49
C LYS A 91 13.30 9.99 -2.91
N GLU A 92 13.87 9.36 -3.91
CA GLU A 92 13.52 9.76 -5.31
C GLU A 92 12.04 9.44 -5.55
N ILE A 93 11.18 10.29 -5.06
CA ILE A 93 9.72 10.07 -5.20
C ILE A 93 9.12 11.07 -6.20
N GLU A 94 8.17 10.64 -6.97
CA GLU A 94 7.51 11.57 -7.93
C GLU A 94 6.17 12.00 -7.38
N LEU A 95 5.81 13.22 -7.59
CA LEU A 95 4.50 13.66 -7.08
C LEU A 95 4.17 15.05 -7.64
N PRO A 96 3.87 15.09 -8.91
CA PRO A 96 3.51 16.38 -9.58
C PRO A 96 2.20 16.93 -9.02
N MET A 1 0.38 14.75 1.49
CA MET A 1 -0.39 13.50 1.25
C MET A 1 -0.38 13.16 -0.24
N LEU A 2 -1.30 12.33 -0.67
CA LEU A 2 -1.36 11.99 -2.11
C LEU A 2 -2.65 12.47 -2.74
N THR A 3 -2.54 12.94 -3.94
CA THR A 3 -3.71 13.47 -4.67
C THR A 3 -3.98 12.63 -5.92
N GLY A 4 -5.11 12.85 -6.54
CA GLY A 4 -5.49 12.07 -7.76
C GLY A 4 -4.29 11.92 -8.72
N LYS A 5 -3.76 13.01 -9.20
CA LYS A 5 -2.62 12.91 -10.16
C LYS A 5 -1.42 12.17 -9.55
N GLN A 6 -1.18 12.33 -8.27
CA GLN A 6 -0.03 11.63 -7.65
C GLN A 6 -0.27 10.13 -7.68
N LYS A 7 -1.47 9.73 -7.36
CA LYS A 7 -1.83 8.29 -7.36
C LYS A 7 -1.60 7.68 -8.75
N ARG A 8 -2.03 8.36 -9.78
CA ARG A 8 -1.86 7.80 -11.14
C ARG A 8 -0.40 7.41 -11.39
N TYR A 9 0.52 8.32 -11.22
CA TYR A 9 1.96 8.00 -11.47
C TYR A 9 2.43 6.92 -10.51
N LEU A 10 2.26 7.15 -9.25
CA LEU A 10 2.73 6.18 -8.24
C LEU A 10 1.98 4.86 -8.34
N ARG A 11 0.73 4.88 -8.71
CA ARG A 11 -0.04 3.62 -8.82
C ARG A 11 0.68 2.67 -9.77
N SER A 12 1.25 3.20 -10.81
CA SER A 12 1.99 2.33 -11.79
C SER A 12 3.36 1.94 -11.22
N LEU A 13 3.98 2.83 -10.47
CA LEU A 13 5.32 2.52 -9.92
C LEU A 13 5.28 1.26 -9.07
N ALA A 14 4.37 1.19 -8.14
CA ALA A 14 4.27 -0.01 -7.24
C ALA A 14 3.84 -1.26 -8.03
N HIS A 15 3.38 -1.11 -9.24
CA HIS A 15 2.94 -2.29 -10.02
C HIS A 15 4.13 -3.17 -10.42
N ASN A 16 5.18 -2.58 -10.92
CA ASN A 16 6.37 -3.40 -11.33
C ASN A 16 7.24 -3.77 -10.14
N ILE A 17 6.86 -3.36 -8.95
CA ILE A 17 7.67 -3.70 -7.75
C ILE A 17 7.11 -4.95 -7.07
N ASP A 18 7.82 -5.48 -6.12
CA ASP A 18 7.33 -6.70 -5.42
C ASP A 18 6.88 -6.40 -3.99
N PRO A 19 5.81 -7.06 -3.56
CA PRO A 19 5.31 -6.89 -2.17
C PRO A 19 6.23 -7.61 -1.19
N ILE A 20 6.53 -6.99 -0.08
CA ILE A 20 7.43 -7.67 0.91
C ILE A 20 6.67 -8.00 2.20
N PHE A 21 5.47 -7.49 2.35
CA PHE A 21 4.63 -7.83 3.54
C PHE A 21 3.44 -8.67 3.08
N GLN A 22 3.11 -9.70 3.79
CA GLN A 22 1.97 -10.56 3.36
C GLN A 22 0.81 -10.51 4.34
N ILE A 23 -0.37 -10.30 3.84
CA ILE A 23 -1.58 -10.25 4.70
C ILE A 23 -2.15 -11.68 4.81
N GLY A 24 -2.62 -12.06 5.96
CA GLY A 24 -3.19 -13.42 6.10
C GLY A 24 -4.63 -13.43 5.61
N LYS A 25 -5.12 -14.56 5.16
CA LYS A 25 -6.52 -14.60 4.68
C LYS A 25 -7.48 -14.41 5.85
N GLY A 26 -8.48 -13.59 5.67
CA GLY A 26 -9.45 -13.33 6.76
C GLY A 26 -9.60 -11.83 6.94
N GLY A 27 -8.51 -11.12 7.08
CA GLY A 27 -8.61 -9.65 7.25
C GLY A 27 -7.24 -9.14 7.67
N ILE A 28 -6.97 -7.88 7.47
CA ILE A 28 -5.64 -7.36 7.87
C ILE A 28 -5.52 -7.30 9.39
N ASN A 29 -4.62 -8.07 9.94
CA ASN A 29 -4.44 -8.06 11.43
C ASN A 29 -3.26 -7.17 11.80
N GLU A 30 -3.23 -6.64 12.99
CA GLU A 30 -2.08 -5.76 13.39
C GLU A 30 -0.76 -6.51 13.16
N ASN A 31 -0.72 -7.78 13.45
CA ASN A 31 0.54 -8.55 13.22
C ASN A 31 1.00 -8.30 11.78
N MET A 32 0.07 -8.27 10.88
CA MET A 32 0.42 -8.01 9.46
C MET A 32 0.86 -6.56 9.31
N ILE A 33 0.14 -5.65 9.93
CA ILE A 33 0.53 -4.22 9.84
C ILE A 33 1.82 -3.99 10.61
N LYS A 34 2.09 -4.80 11.60
CA LYS A 34 3.35 -4.63 12.38
C LYS A 34 4.52 -4.70 11.39
N GLN A 35 4.53 -5.71 10.56
CA GLN A 35 5.62 -5.83 9.56
C GLN A 35 5.44 -4.75 8.49
N ILE A 36 4.26 -4.67 7.90
CA ILE A 36 4.02 -3.63 6.87
C ILE A 36 4.39 -2.24 7.41
N ASP A 37 4.09 -2.01 8.66
CA ASP A 37 4.39 -0.68 9.29
C ASP A 37 5.87 -0.31 9.12
N ASP A 38 6.75 -1.14 9.61
CA ASP A 38 8.21 -0.82 9.49
C ASP A 38 8.63 -0.85 8.02
N THR A 39 8.04 -1.72 7.25
CA THR A 39 8.41 -1.81 5.81
C THR A 39 8.06 -0.50 5.09
N LEU A 40 6.84 -0.06 5.21
CA LEU A 40 6.44 1.20 4.53
C LEU A 40 6.99 2.41 5.29
N GLU A 41 7.14 2.29 6.58
CA GLU A 41 7.67 3.43 7.38
C GLU A 41 9.04 3.85 6.83
N ASN A 42 9.77 2.92 6.26
CA ASN A 42 11.11 3.27 5.71
C ASN A 42 11.02 3.49 4.19
N ARG A 43 10.06 2.89 3.55
CA ARG A 43 9.92 3.06 2.07
C ARG A 43 8.83 4.09 1.76
N GLU A 44 8.68 4.44 0.51
CA GLU A 44 7.63 5.45 0.13
C GLU A 44 6.49 4.75 -0.62
N LEU A 45 6.81 3.82 -1.47
CA LEU A 45 5.73 3.10 -2.22
C LEU A 45 5.61 1.68 -1.69
N ILE A 46 4.47 1.31 -1.19
CA ILE A 46 4.32 -0.07 -0.64
C ILE A 46 3.25 -0.86 -1.40
N LYS A 47 3.68 -1.91 -2.05
CA LYS A 47 2.73 -2.80 -2.78
C LYS A 47 2.50 -4.00 -1.87
N VAL A 48 1.38 -4.11 -1.22
CA VAL A 48 1.20 -5.23 -0.27
C VAL A 48 0.34 -6.34 -0.87
N HIS A 49 0.61 -7.58 -0.54
CA HIS A 49 -0.24 -8.68 -1.09
C HIS A 49 -1.32 -9.04 -0.07
N VAL A 50 -2.55 -9.20 -0.49
CA VAL A 50 -3.64 -9.53 0.48
C VAL A 50 -4.18 -10.93 0.23
N LEU A 51 -4.29 -11.69 1.29
CA LEU A 51 -4.80 -13.07 1.17
C LEU A 51 -6.33 -13.12 1.15
N GLN A 52 -6.99 -12.18 0.53
CA GLN A 52 -8.48 -12.21 0.51
C GLN A 52 -8.97 -12.81 -0.82
N ASN A 53 -8.24 -12.61 -1.88
CA ASN A 53 -8.68 -13.17 -3.20
C ASN A 53 -10.10 -12.70 -3.54
N ASN A 54 -10.48 -11.54 -3.08
CA ASN A 54 -11.85 -11.04 -3.38
C ASN A 54 -11.75 -9.65 -4.06
N PHE A 55 -12.78 -9.25 -4.76
CA PHE A 55 -12.72 -7.93 -5.45
C PHE A 55 -13.12 -6.78 -4.51
N ASP A 56 -14.37 -6.70 -4.13
CA ASP A 56 -14.80 -5.58 -3.24
C ASP A 56 -14.20 -5.70 -1.84
N ASP A 57 -13.56 -6.79 -1.56
CA ASP A 57 -12.94 -6.97 -0.22
C ASP A 57 -11.50 -6.48 -0.28
N LYS A 58 -10.81 -6.76 -1.36
CA LYS A 58 -9.41 -6.29 -1.51
C LYS A 58 -9.39 -4.78 -1.37
N LYS A 59 -10.37 -4.13 -1.91
CA LYS A 59 -10.43 -2.64 -1.81
C LYS A 59 -10.74 -2.26 -0.37
N GLU A 60 -11.71 -2.90 0.23
CA GLU A 60 -12.04 -2.58 1.65
C GLU A 60 -10.83 -2.91 2.53
N LEU A 61 -10.16 -3.99 2.25
CA LEU A 61 -8.96 -4.36 3.06
C LEU A 61 -8.00 -3.17 3.11
N ALA A 62 -7.78 -2.52 1.99
CA ALA A 62 -6.88 -1.34 2.00
C ALA A 62 -7.45 -0.29 2.94
N GLU A 63 -8.75 -0.23 3.04
CA GLU A 63 -9.36 0.77 3.97
C GLU A 63 -8.77 0.59 5.36
N THR A 64 -8.49 -0.63 5.67
CA THR A 64 -7.88 -0.96 6.99
C THR A 64 -6.37 -0.77 6.91
N LEU A 65 -5.76 -1.12 5.81
CA LEU A 65 -4.29 -0.95 5.69
C LEU A 65 -3.96 0.53 5.49
N SER A 66 -4.58 1.17 4.52
CA SER A 66 -4.31 2.61 4.30
C SER A 66 -4.47 3.40 5.60
N GLU A 67 -5.50 3.12 6.35
CA GLU A 67 -5.70 3.85 7.63
C GLU A 67 -4.64 3.46 8.66
N ALA A 68 -4.22 2.22 8.67
CA ALA A 68 -3.18 1.79 9.66
C ALA A 68 -1.77 2.01 9.10
N THR A 69 -1.66 2.26 7.81
CA THR A 69 -0.31 2.47 7.21
C THR A 69 0.04 3.97 7.18
N ARG A 70 -0.87 4.82 7.55
CA ARG A 70 -0.58 6.28 7.52
C ARG A 70 -0.08 6.68 6.14
N SER A 71 -0.44 5.94 5.13
CA SER A 71 0.01 6.26 3.75
C SER A 71 -1.20 6.65 2.89
N GLU A 72 -1.03 6.70 1.59
CA GLU A 72 -2.19 7.07 0.72
C GLU A 72 -2.36 6.03 -0.41
N LEU A 73 -3.46 5.32 -0.40
CA LEU A 73 -3.68 4.28 -1.44
C LEU A 73 -3.70 4.85 -2.85
N VAL A 74 -2.69 4.56 -3.64
CA VAL A 74 -2.77 5.03 -5.04
C VAL A 74 -3.69 4.04 -5.76
N GLN A 75 -3.70 2.80 -5.32
CA GLN A 75 -4.63 1.79 -5.94
C GLN A 75 -4.43 0.39 -5.45
N VAL A 76 -5.26 -0.47 -5.92
CA VAL A 76 -5.23 -1.88 -5.52
C VAL A 76 -5.09 -2.73 -6.79
N ILE A 77 -4.16 -3.63 -6.85
CA ILE A 77 -4.03 -4.45 -8.10
C ILE A 77 -4.13 -5.95 -7.80
N GLY A 78 -5.11 -6.59 -8.37
CA GLY A 78 -5.29 -8.06 -8.14
C GLY A 78 -5.21 -8.37 -6.64
N SER A 79 -4.28 -9.20 -6.27
CA SER A 79 -4.13 -9.54 -4.82
C SER A 79 -3.10 -8.61 -4.18
N MET A 80 -2.87 -7.47 -4.77
CA MET A 80 -1.86 -6.53 -4.19
C MET A 80 -2.48 -5.17 -3.89
N ILE A 81 -2.00 -4.51 -2.87
CA ILE A 81 -2.53 -3.16 -2.52
C ILE A 81 -1.44 -2.12 -2.85
N VAL A 82 -1.79 -1.06 -3.52
CA VAL A 82 -0.77 -0.03 -3.90
C VAL A 82 -0.96 1.24 -3.06
N ILE A 83 -0.05 1.52 -2.15
CA ILE A 83 -0.21 2.73 -1.30
C ILE A 83 1.09 3.55 -1.26
N TYR A 84 0.97 4.82 -0.99
CA TYR A 84 2.18 5.68 -0.91
C TYR A 84 2.28 6.31 0.49
N ARG A 85 3.26 5.94 1.24
CA ARG A 85 3.43 6.52 2.60
C ARG A 85 4.03 7.92 2.52
N GLU A 86 3.56 8.82 3.34
CA GLU A 86 4.08 10.24 3.34
C GLU A 86 5.59 10.30 3.11
N SER A 87 6.10 11.47 2.84
CA SER A 87 7.56 11.61 2.60
C SER A 87 8.25 12.15 3.85
N LYS A 88 9.45 11.72 4.08
CA LYS A 88 10.20 12.22 5.25
C LYS A 88 11.63 12.38 4.81
N GLU A 89 12.17 11.36 4.21
CA GLU A 89 13.55 11.46 3.68
C GLU A 89 13.44 11.76 2.18
N ASN A 90 14.02 12.84 1.75
CA ASN A 90 13.94 13.24 0.32
C ASN A 90 14.43 12.13 -0.61
N LYS A 91 13.54 11.22 -0.92
CA LYS A 91 13.88 10.12 -1.85
C LYS A 91 13.35 10.48 -3.22
N GLU A 92 13.86 9.92 -4.28
CA GLU A 92 13.36 10.28 -5.63
C GLU A 92 11.90 9.85 -5.74
N ILE A 93 11.01 10.60 -5.14
CA ILE A 93 9.56 10.28 -5.17
C ILE A 93 8.82 11.27 -6.07
N GLU A 94 8.19 10.78 -7.10
CA GLU A 94 7.43 11.69 -8.00
C GLU A 94 6.01 11.19 -8.14
N LEU A 95 5.08 12.07 -8.31
CA LEU A 95 3.69 11.58 -8.50
C LEU A 95 2.90 12.46 -9.49
N PRO A 96 2.86 13.76 -9.26
CA PRO A 96 2.11 14.65 -10.16
C PRO A 96 3.05 15.27 -11.19
N MET A 1 -1.52 14.66 0.96
CA MET A 1 -0.30 14.51 0.12
C MET A 1 -0.65 13.89 -1.23
N LEU A 2 -1.14 12.68 -1.23
CA LEU A 2 -1.50 12.02 -2.51
C LEU A 2 -2.87 12.45 -2.97
N THR A 3 -2.93 12.82 -4.20
CA THR A 3 -4.18 13.30 -4.81
C THR A 3 -4.51 12.40 -6.02
N GLY A 4 -5.69 12.50 -6.56
CA GLY A 4 -6.09 11.66 -7.73
C GLY A 4 -4.94 11.60 -8.76
N LYS A 5 -4.26 12.69 -8.95
CA LYS A 5 -3.14 12.69 -9.94
C LYS A 5 -1.93 11.93 -9.39
N GLN A 6 -1.60 12.08 -8.13
CA GLN A 6 -0.44 11.34 -7.59
C GLN A 6 -0.69 9.85 -7.75
N LYS A 7 -1.91 9.46 -7.51
CA LYS A 7 -2.29 8.02 -7.66
C LYS A 7 -1.87 7.52 -9.04
N ARG A 8 -2.23 8.21 -10.08
CA ARG A 8 -1.88 7.76 -11.45
C ARG A 8 -0.37 7.51 -11.59
N TYR A 9 0.44 8.50 -11.29
CA TYR A 9 1.92 8.32 -11.40
C TYR A 9 2.40 7.25 -10.45
N LEU A 10 2.09 7.40 -9.21
CA LEU A 10 2.56 6.44 -8.19
C LEU A 10 1.96 5.05 -8.39
N ARG A 11 0.72 4.96 -8.79
CA ARG A 11 0.12 3.62 -9.00
C ARG A 11 1.02 2.79 -9.92
N SER A 12 1.56 3.40 -10.95
CA SER A 12 2.45 2.65 -11.87
C SER A 12 3.80 2.35 -11.21
N LEU A 13 4.30 3.27 -10.41
CA LEU A 13 5.62 3.05 -9.74
C LEU A 13 5.61 1.76 -8.95
N ALA A 14 4.61 1.55 -8.13
CA ALA A 14 4.57 0.31 -7.29
C ALA A 14 4.26 -0.94 -8.15
N HIS A 15 4.06 -0.79 -9.42
CA HIS A 15 3.75 -1.97 -10.28
C HIS A 15 4.97 -2.90 -10.45
N ASN A 16 6.11 -2.36 -10.75
CA ASN A 16 7.31 -3.23 -10.93
C ASN A 16 8.07 -3.44 -9.62
N ILE A 17 7.56 -2.93 -8.54
CA ILE A 17 8.25 -3.10 -7.24
C ILE A 17 7.72 -4.34 -6.51
N ASP A 18 8.27 -4.66 -5.37
CA ASP A 18 7.80 -5.86 -4.63
C ASP A 18 6.88 -5.45 -3.47
N PRO A 19 5.92 -6.31 -3.17
CA PRO A 19 4.96 -6.03 -2.07
C PRO A 19 5.66 -5.97 -0.71
N ILE A 20 5.50 -4.86 -0.02
CA ILE A 20 6.13 -4.70 1.33
C ILE A 20 5.92 -5.97 2.18
N PHE A 21 4.71 -6.49 2.23
CA PHE A 21 4.44 -7.73 3.02
C PHE A 21 3.17 -8.41 2.51
N GLN A 22 2.98 -9.66 2.84
CA GLN A 22 1.75 -10.38 2.37
C GLN A 22 0.81 -10.70 3.53
N ILE A 23 -0.45 -10.41 3.37
CA ILE A 23 -1.45 -10.70 4.45
C ILE A 23 -1.94 -12.15 4.26
N GLY A 24 -2.26 -12.82 5.34
CA GLY A 24 -2.74 -14.22 5.22
C GLY A 24 -4.24 -14.22 4.94
N LYS A 25 -4.76 -15.27 4.36
CA LYS A 25 -6.21 -15.30 4.06
C LYS A 25 -7.02 -15.30 5.36
N GLY A 26 -7.89 -14.36 5.51
CA GLY A 26 -8.72 -14.28 6.75
C GLY A 26 -9.08 -12.81 7.03
N GLY A 27 -8.14 -11.92 6.87
CA GLY A 27 -8.43 -10.49 7.13
C GLY A 27 -7.11 -9.77 7.40
N ILE A 28 -7.12 -8.47 7.42
CA ILE A 28 -5.84 -7.75 7.68
C ILE A 28 -5.37 -8.08 9.10
N ASN A 29 -4.24 -8.72 9.21
CA ASN A 29 -3.72 -9.07 10.56
C ASN A 29 -2.67 -8.03 11.02
N GLU A 30 -2.79 -7.55 12.23
CA GLU A 30 -1.79 -6.56 12.73
C GLU A 30 -0.39 -7.12 12.57
N ASN A 31 -0.22 -8.40 12.74
CA ASN A 31 1.15 -9.00 12.59
C ASN A 31 1.72 -8.56 11.24
N MET A 32 0.94 -8.63 10.21
CA MET A 32 1.44 -8.19 8.87
C MET A 32 1.61 -6.67 8.88
N ILE A 33 0.69 -5.95 9.47
CA ILE A 33 0.85 -4.47 9.51
C ILE A 33 2.03 -4.10 10.40
N LYS A 34 2.32 -4.92 11.39
CA LYS A 34 3.48 -4.60 12.27
C LYS A 34 4.72 -4.47 11.38
N GLN A 35 4.86 -5.38 10.46
CA GLN A 35 6.01 -5.33 9.52
C GLN A 35 5.78 -4.21 8.49
N ILE A 36 4.62 -4.17 7.88
CA ILE A 36 4.33 -3.09 6.89
C ILE A 36 4.51 -1.73 7.56
N ASP A 37 4.12 -1.67 8.81
CA ASP A 37 4.23 -0.39 9.57
C ASP A 37 5.65 0.15 9.50
N ASP A 38 6.62 -0.68 9.82
CA ASP A 38 8.03 -0.23 9.80
C ASP A 38 8.57 -0.16 8.36
N THR A 39 8.15 -1.05 7.50
CA THR A 39 8.66 -1.03 6.10
C THR A 39 7.94 0.04 5.28
N LEU A 40 6.74 0.41 5.64
CA LEU A 40 6.04 1.47 4.86
C LEU A 40 6.36 2.85 5.46
N GLU A 41 6.58 2.91 6.74
CA GLU A 41 6.91 4.21 7.38
C GLU A 41 8.34 4.62 7.02
N ASN A 42 9.16 3.68 6.66
CA ASN A 42 10.57 4.02 6.31
C ASN A 42 10.71 4.24 4.79
N ARG A 43 9.88 3.59 4.01
CA ARG A 43 9.97 3.77 2.54
C ARG A 43 8.89 4.76 2.05
N GLU A 44 8.67 4.82 0.77
CA GLU A 44 7.64 5.78 0.24
C GLU A 44 6.54 5.01 -0.49
N LEU A 45 6.90 4.12 -1.37
CA LEU A 45 5.86 3.33 -2.11
C LEU A 45 5.86 1.90 -1.62
N ILE A 46 4.72 1.40 -1.22
CA ILE A 46 4.67 0.00 -0.71
C ILE A 46 3.50 -0.77 -1.33
N LYS A 47 3.79 -1.84 -1.99
CA LYS A 47 2.70 -2.70 -2.57
C LYS A 47 2.37 -3.73 -1.50
N VAL A 48 1.13 -4.08 -1.27
CA VAL A 48 0.86 -5.06 -0.20
C VAL A 48 -0.01 -6.21 -0.70
N HIS A 49 0.44 -7.43 -0.57
CA HIS A 49 -0.36 -8.59 -1.06
C HIS A 49 -1.33 -9.07 0.03
N VAL A 50 -2.59 -9.12 -0.28
CA VAL A 50 -3.60 -9.59 0.73
C VAL A 50 -4.22 -10.90 0.27
N LEU A 51 -4.32 -11.83 1.17
CA LEU A 51 -4.87 -13.15 0.80
C LEU A 51 -6.40 -13.19 0.98
N GLN A 52 -7.07 -12.11 0.69
CA GLN A 52 -8.56 -12.11 0.83
C GLN A 52 -9.20 -12.81 -0.38
N ASN A 53 -8.48 -12.89 -1.47
CA ASN A 53 -9.02 -13.56 -2.70
C ASN A 53 -10.33 -12.89 -3.16
N ASN A 54 -10.61 -11.71 -2.68
CA ASN A 54 -11.86 -11.02 -3.09
C ASN A 54 -11.53 -9.63 -3.65
N PHE A 55 -12.34 -9.12 -4.53
CA PHE A 55 -12.05 -7.78 -5.12
C PHE A 55 -12.59 -6.66 -4.24
N ASP A 56 -13.87 -6.65 -3.97
CA ASP A 56 -14.45 -5.56 -3.13
C ASP A 56 -13.98 -5.67 -1.68
N ASP A 57 -13.35 -6.74 -1.34
CA ASP A 57 -12.85 -6.92 0.06
C ASP A 57 -11.43 -6.36 0.17
N LYS A 58 -10.58 -6.73 -0.76
CA LYS A 58 -9.18 -6.20 -0.72
C LYS A 58 -9.22 -4.68 -0.63
N LYS A 59 -10.15 -4.07 -1.33
CA LYS A 59 -10.27 -2.58 -1.27
C LYS A 59 -10.71 -2.17 0.12
N GLU A 60 -11.77 -2.76 0.63
CA GLU A 60 -12.22 -2.40 2.01
C GLU A 60 -11.07 -2.65 2.99
N LEU A 61 -10.32 -3.70 2.79
CA LEU A 61 -9.16 -3.97 3.70
C LEU A 61 -8.25 -2.74 3.67
N ALA A 62 -8.08 -2.15 2.52
CA ALA A 62 -7.23 -0.93 2.46
C ALA A 62 -7.86 0.14 3.36
N GLU A 63 -9.16 0.12 3.50
CA GLU A 63 -9.81 1.11 4.40
C GLU A 63 -9.23 0.93 5.79
N THR A 64 -8.90 -0.28 6.11
CA THR A 64 -8.30 -0.59 7.43
C THR A 64 -6.78 -0.38 7.36
N LEU A 65 -6.16 -0.81 6.29
CA LEU A 65 -4.69 -0.64 6.17
C LEU A 65 -4.35 0.82 5.89
N SER A 66 -4.98 1.42 4.91
CA SER A 66 -4.70 2.86 4.63
C SER A 66 -4.95 3.70 5.89
N GLU A 67 -6.05 3.49 6.55
CA GLU A 67 -6.33 4.28 7.79
C GLU A 67 -5.26 4.00 8.85
N ALA A 68 -4.74 2.81 8.88
CA ALA A 68 -3.68 2.48 9.88
C ALA A 68 -2.32 2.92 9.36
N THR A 69 -1.98 2.52 8.16
CA THR A 69 -0.67 2.91 7.57
C THR A 69 -0.58 4.44 7.43
N ARG A 70 -1.68 5.12 7.55
CA ARG A 70 -1.63 6.61 7.41
C ARG A 70 -0.98 6.99 6.08
N SER A 71 -1.31 6.28 5.04
CA SER A 71 -0.72 6.59 3.71
C SER A 71 -1.83 6.84 2.68
N GLU A 72 -1.53 6.79 1.42
CA GLU A 72 -2.59 7.04 0.40
C GLU A 72 -2.63 5.94 -0.66
N LEU A 73 -3.67 5.16 -0.70
CA LEU A 73 -3.77 4.07 -1.71
C LEU A 73 -3.76 4.62 -3.13
N VAL A 74 -2.68 4.48 -3.84
CA VAL A 74 -2.73 4.94 -5.25
C VAL A 74 -3.60 3.92 -5.98
N GLN A 75 -3.58 2.68 -5.55
CA GLN A 75 -4.47 1.66 -6.18
C GLN A 75 -4.26 0.26 -5.66
N VAL A 76 -5.01 -0.64 -6.19
CA VAL A 76 -4.96 -2.04 -5.74
C VAL A 76 -4.65 -2.95 -6.94
N ILE A 77 -3.53 -3.60 -6.95
CA ILE A 77 -3.19 -4.49 -8.09
C ILE A 77 -3.64 -5.93 -7.80
N GLY A 78 -4.78 -6.31 -8.34
CA GLY A 78 -5.28 -7.71 -8.11
C GLY A 78 -5.21 -8.07 -6.62
N SER A 79 -4.39 -9.03 -6.28
CA SER A 79 -4.26 -9.43 -4.85
C SER A 79 -3.26 -8.54 -4.12
N MET A 80 -2.85 -7.45 -4.72
CA MET A 80 -1.88 -6.56 -4.05
C MET A 80 -2.46 -5.15 -3.89
N ILE A 81 -2.14 -4.50 -2.82
CA ILE A 81 -2.65 -3.12 -2.59
C ILE A 81 -1.52 -2.13 -2.81
N VAL A 82 -1.78 -1.06 -3.50
CA VAL A 82 -0.71 -0.07 -3.79
C VAL A 82 -0.90 1.19 -2.95
N ILE A 83 -0.05 1.41 -1.97
CA ILE A 83 -0.21 2.62 -1.10
C ILE A 83 1.09 3.41 -1.01
N TYR A 84 0.99 4.69 -0.79
CA TYR A 84 2.23 5.53 -0.65
C TYR A 84 2.17 6.27 0.69
N ARG A 85 3.01 5.93 1.62
CA ARG A 85 2.98 6.62 2.94
C ARG A 85 3.86 7.88 2.90
N GLU A 86 3.24 9.04 3.02
CA GLU A 86 3.95 10.37 3.03
C GLU A 86 5.41 10.32 2.52
N SER A 87 6.28 11.09 3.11
CA SER A 87 7.70 11.08 2.68
C SER A 87 8.61 10.94 3.90
N LYS A 88 9.69 10.24 3.76
CA LYS A 88 10.63 10.08 4.90
C LYS A 88 12.00 9.76 4.32
N GLU A 89 12.14 8.61 3.73
CA GLU A 89 13.42 8.26 3.09
C GLU A 89 13.32 8.73 1.64
N ASN A 90 14.23 9.55 1.20
CA ASN A 90 14.17 10.07 -0.19
C ASN A 90 14.20 8.94 -1.22
N LYS A 91 13.09 8.29 -1.42
CA LYS A 91 13.03 7.20 -2.43
C LYS A 91 12.86 7.85 -3.79
N GLU A 92 13.20 7.19 -4.86
CA GLU A 92 13.05 7.85 -6.19
C GLU A 92 11.56 8.10 -6.46
N ILE A 93 10.99 9.03 -5.76
CA ILE A 93 9.55 9.38 -5.93
C ILE A 93 9.44 10.77 -6.56
N GLU A 94 8.94 10.86 -7.75
CA GLU A 94 8.77 12.21 -8.36
C GLU A 94 7.34 12.42 -8.76
N LEU A 95 6.66 13.30 -8.11
CA LEU A 95 5.29 13.56 -8.55
C LEU A 95 4.68 14.77 -7.80
N PRO A 96 4.48 14.64 -6.49
CA PRO A 96 3.89 15.72 -5.69
C PRO A 96 4.96 16.43 -4.85
N MET A 1 -3.01 13.26 1.79
CA MET A 1 -1.58 13.18 1.36
C MET A 1 -1.50 12.98 -0.15
N LEU A 2 -1.73 11.78 -0.61
CA LEU A 2 -1.65 11.52 -2.07
C LEU A 2 -2.95 11.84 -2.77
N THR A 3 -2.84 12.51 -3.86
CA THR A 3 -4.02 12.94 -4.64
C THR A 3 -4.03 12.26 -6.02
N GLY A 4 -5.13 12.36 -6.73
CA GLY A 4 -5.24 11.73 -8.08
C GLY A 4 -3.96 11.92 -8.89
N LYS A 5 -3.50 13.13 -9.01
CA LYS A 5 -2.25 13.38 -9.79
C LYS A 5 -1.08 12.59 -9.20
N GLN A 6 -0.87 12.71 -7.91
CA GLN A 6 0.24 11.97 -7.27
C GLN A 6 0.04 10.47 -7.53
N LYS A 7 -1.18 10.01 -7.42
CA LYS A 7 -1.48 8.56 -7.68
C LYS A 7 -1.11 8.20 -9.12
N ARG A 8 -1.35 9.07 -10.05
CA ARG A 8 -1.02 8.75 -11.47
C ARG A 8 0.43 8.25 -11.57
N TYR A 9 1.37 9.01 -11.11
CA TYR A 9 2.80 8.56 -11.19
C TYR A 9 3.04 7.31 -10.37
N LEU A 10 2.71 7.35 -9.12
CA LEU A 10 2.98 6.19 -8.24
C LEU A 10 2.07 5.00 -8.54
N ARG A 11 0.81 5.22 -8.82
CA ARG A 11 -0.08 4.06 -9.12
C ARG A 11 0.54 3.21 -10.23
N SER A 12 1.22 3.84 -11.15
CA SER A 12 1.86 3.07 -12.26
C SER A 12 3.18 2.43 -11.77
N LEU A 13 3.82 3.03 -10.80
CA LEU A 13 5.10 2.45 -10.30
C LEU A 13 4.89 1.05 -9.73
N ALA A 14 3.89 0.89 -8.91
CA ALA A 14 3.59 -0.44 -8.29
C ALA A 14 3.74 -1.59 -9.31
N HIS A 15 3.38 -1.35 -10.53
CA HIS A 15 3.46 -2.43 -11.56
C HIS A 15 4.86 -3.05 -11.61
N ASN A 16 5.89 -2.25 -11.54
CA ASN A 16 7.26 -2.81 -11.59
C ASN A 16 7.71 -3.25 -10.19
N ILE A 17 7.00 -2.87 -9.16
CA ILE A 17 7.41 -3.27 -7.79
C ILE A 17 6.83 -4.63 -7.42
N ASP A 18 7.33 -5.18 -6.36
CA ASP A 18 6.85 -6.50 -5.87
C ASP A 18 6.05 -6.36 -4.57
N PRO A 19 5.13 -7.27 -4.34
CA PRO A 19 4.31 -7.22 -3.11
C PRO A 19 5.23 -7.32 -1.88
N ILE A 20 5.62 -6.19 -1.36
CA ILE A 20 6.56 -6.17 -0.19
C ILE A 20 6.00 -7.00 0.99
N PHE A 21 4.94 -6.58 1.62
CA PHE A 21 4.39 -7.40 2.75
C PHE A 21 3.02 -7.98 2.35
N GLN A 22 2.58 -9.00 3.04
CA GLN A 22 1.27 -9.63 2.69
C GLN A 22 0.31 -9.65 3.90
N ILE A 23 -0.96 -9.55 3.63
CA ILE A 23 -1.98 -9.58 4.72
C ILE A 23 -2.49 -11.01 4.92
N GLY A 24 -2.81 -11.38 6.13
CA GLY A 24 -3.32 -12.77 6.37
C GLY A 24 -4.69 -12.91 5.67
N LYS A 25 -5.32 -14.05 5.79
CA LYS A 25 -6.65 -14.22 5.11
C LYS A 25 -7.80 -13.90 6.06
N GLY A 26 -7.63 -14.14 7.34
CA GLY A 26 -8.73 -13.84 8.30
C GLY A 26 -9.15 -12.37 8.14
N GLY A 27 -8.23 -11.54 7.72
CA GLY A 27 -8.55 -10.10 7.55
C GLY A 27 -7.27 -9.31 7.78
N ILE A 28 -7.37 -8.04 8.11
CA ILE A 28 -6.12 -7.27 8.36
C ILE A 28 -5.71 -7.46 9.83
N ASN A 29 -4.58 -8.06 10.06
CA ASN A 29 -4.13 -8.27 11.47
C ASN A 29 -2.95 -7.35 11.80
N GLU A 30 -2.92 -6.80 12.98
CA GLU A 30 -1.79 -5.89 13.35
C GLU A 30 -0.48 -6.64 13.15
N ASN A 31 -0.48 -7.94 13.31
CA ASN A 31 0.78 -8.72 13.10
C ASN A 31 1.39 -8.32 11.76
N MET A 32 0.55 -8.07 10.79
CA MET A 32 1.06 -7.62 9.48
C MET A 32 1.39 -6.14 9.55
N ILE A 33 0.49 -5.33 10.07
CA ILE A 33 0.80 -3.88 10.17
C ILE A 33 2.10 -3.71 10.96
N LYS A 34 2.37 -4.58 11.89
CA LYS A 34 3.63 -4.46 12.65
C LYS A 34 4.79 -4.54 11.65
N GLN A 35 4.84 -5.60 10.88
CA GLN A 35 5.91 -5.72 9.86
C GLN A 35 5.68 -4.67 8.77
N ILE A 36 4.48 -4.61 8.24
CA ILE A 36 4.19 -3.59 7.19
C ILE A 36 4.54 -2.18 7.70
N ASP A 37 4.41 -1.95 8.98
CA ASP A 37 4.70 -0.60 9.54
C ASP A 37 6.16 -0.21 9.25
N ASP A 38 7.09 -1.00 9.72
CA ASP A 38 8.53 -0.67 9.46
C ASP A 38 8.83 -0.76 7.97
N THR A 39 8.34 -1.78 7.33
CA THR A 39 8.56 -1.95 5.87
C THR A 39 7.91 -0.79 5.10
N LEU A 40 6.74 -0.39 5.49
CA LEU A 40 6.06 0.75 4.80
C LEU A 40 6.60 2.08 5.33
N GLU A 41 7.46 2.06 6.32
CA GLU A 41 7.99 3.33 6.86
C GLU A 41 9.45 3.53 6.43
N ASN A 42 10.01 2.58 5.72
CA ASN A 42 11.43 2.74 5.28
C ASN A 42 11.51 2.92 3.75
N ARG A 43 10.72 2.20 3.01
CA ARG A 43 10.76 2.33 1.52
C ARG A 43 9.87 3.51 1.04
N GLU A 44 9.15 3.33 -0.03
CA GLU A 44 8.27 4.44 -0.55
C GLU A 44 6.98 3.84 -1.12
N LEU A 45 7.10 3.01 -2.12
CA LEU A 45 5.90 2.36 -2.71
C LEU A 45 5.89 0.90 -2.31
N ILE A 46 4.83 0.44 -1.71
CA ILE A 46 4.81 -0.99 -1.28
C ILE A 46 3.55 -1.69 -1.77
N LYS A 47 3.73 -2.75 -2.52
CA LYS A 47 2.55 -3.52 -3.02
C LYS A 47 2.23 -4.58 -1.98
N VAL A 48 0.99 -4.80 -1.66
CA VAL A 48 0.70 -5.80 -0.61
C VAL A 48 -0.27 -6.86 -1.12
N HIS A 49 0.06 -8.11 -0.95
CA HIS A 49 -0.88 -9.19 -1.40
C HIS A 49 -1.84 -9.54 -0.27
N VAL A 50 -3.07 -9.09 -0.37
CA VAL A 50 -4.07 -9.39 0.71
C VAL A 50 -4.64 -10.78 0.51
N LEU A 51 -4.77 -11.50 1.58
CA LEU A 51 -5.30 -12.87 1.49
C LEU A 51 -6.81 -12.89 1.69
N GLN A 52 -7.48 -11.82 1.39
CA GLN A 52 -8.96 -11.79 1.57
C GLN A 52 -9.65 -12.60 0.45
N ASN A 53 -8.90 -13.09 -0.51
CA ASN A 53 -9.50 -13.89 -1.62
C ASN A 53 -10.45 -13.04 -2.47
N ASN A 54 -11.56 -12.64 -1.93
CA ASN A 54 -12.52 -11.82 -2.71
C ASN A 54 -11.85 -10.52 -3.17
N PHE A 55 -12.15 -10.08 -4.37
CA PHE A 55 -11.53 -8.83 -4.88
C PHE A 55 -12.12 -7.60 -4.18
N ASP A 56 -13.40 -7.40 -4.26
CA ASP A 56 -14.01 -6.20 -3.60
C ASP A 56 -13.71 -6.22 -2.11
N ASP A 57 -13.38 -7.36 -1.59
CA ASP A 57 -13.05 -7.46 -0.14
C ASP A 57 -11.61 -6.99 0.08
N LYS A 58 -10.77 -7.18 -0.90
CA LYS A 58 -9.36 -6.74 -0.77
C LYS A 58 -9.33 -5.21 -0.64
N LYS A 59 -10.08 -4.54 -1.47
CA LYS A 59 -10.12 -3.05 -1.39
C LYS A 59 -10.59 -2.63 -0.01
N GLU A 60 -11.62 -3.24 0.51
CA GLU A 60 -12.11 -2.87 1.87
C GLU A 60 -10.95 -2.94 2.87
N LEU A 61 -10.16 -3.98 2.81
CA LEU A 61 -9.01 -4.09 3.75
C LEU A 61 -8.15 -2.83 3.65
N ALA A 62 -7.81 -2.42 2.47
CA ALA A 62 -6.99 -1.18 2.33
C ALA A 62 -7.68 -0.03 3.05
N GLU A 63 -8.98 -0.10 3.19
CA GLU A 63 -9.70 0.99 3.92
C GLU A 63 -9.18 1.03 5.34
N THR A 64 -9.01 -0.12 5.89
CA THR A 64 -8.49 -0.25 7.27
C THR A 64 -6.95 -0.18 7.25
N LEU A 65 -6.35 -0.75 6.24
CA LEU A 65 -4.87 -0.71 6.15
C LEU A 65 -4.38 0.69 5.76
N SER A 66 -4.90 1.23 4.68
CA SER A 66 -4.48 2.59 4.26
C SER A 66 -4.65 3.58 5.41
N GLU A 67 -5.78 3.58 6.07
CA GLU A 67 -6.00 4.53 7.19
C GLU A 67 -5.06 4.21 8.36
N ALA A 68 -4.79 2.95 8.60
CA ALA A 68 -3.88 2.59 9.72
C ALA A 68 -2.42 2.60 9.27
N THR A 69 -2.16 2.73 8.00
CA THR A 69 -0.76 2.74 7.51
C THR A 69 -0.24 4.18 7.35
N ARG A 70 -1.07 5.16 7.62
CA ARG A 70 -0.61 6.58 7.46
C ARG A 70 -0.14 6.81 6.02
N SER A 71 -0.67 6.07 5.09
CA SER A 71 -0.27 6.23 3.67
C SER A 71 -1.53 6.41 2.80
N GLU A 72 -1.37 6.51 1.50
CA GLU A 72 -2.57 6.67 0.63
C GLU A 72 -2.55 5.67 -0.53
N LEU A 73 -3.56 4.84 -0.62
CA LEU A 73 -3.62 3.84 -1.72
C LEU A 73 -3.65 4.49 -3.10
N VAL A 74 -2.57 4.47 -3.83
CA VAL A 74 -2.67 5.02 -5.21
C VAL A 74 -3.52 4.04 -6.00
N GLN A 75 -3.47 2.75 -5.62
CA GLN A 75 -4.32 1.72 -6.31
C GLN A 75 -4.03 0.31 -5.86
N VAL A 76 -4.70 -0.61 -6.48
CA VAL A 76 -4.56 -2.03 -6.11
C VAL A 76 -4.16 -2.83 -7.38
N ILE A 77 -3.24 -3.76 -7.27
CA ILE A 77 -2.83 -4.51 -8.48
C ILE A 77 -3.18 -6.01 -8.37
N GLY A 78 -4.27 -6.42 -8.96
CA GLY A 78 -4.68 -7.86 -8.95
C GLY A 78 -4.31 -8.55 -7.62
N SER A 79 -5.19 -8.51 -6.65
CA SER A 79 -4.89 -9.17 -5.33
C SER A 79 -3.76 -8.45 -4.59
N MET A 80 -3.26 -7.36 -5.13
CA MET A 80 -2.16 -6.62 -4.44
C MET A 80 -2.62 -5.18 -4.18
N ILE A 81 -2.12 -4.54 -3.15
CA ILE A 81 -2.55 -3.15 -2.88
C ILE A 81 -1.37 -2.18 -3.04
N VAL A 82 -1.57 -1.12 -3.75
CA VAL A 82 -0.46 -0.12 -3.96
C VAL A 82 -0.64 1.09 -3.06
N ILE A 83 0.23 1.27 -2.09
CA ILE A 83 0.08 2.44 -1.20
C ILE A 83 1.37 3.27 -1.15
N TYR A 84 1.23 4.55 -1.01
CA TYR A 84 2.42 5.43 -0.92
C TYR A 84 2.46 6.05 0.48
N ARG A 85 3.44 5.70 1.27
CA ARG A 85 3.50 6.28 2.65
C ARG A 85 4.06 7.71 2.60
N GLU A 86 3.51 8.58 3.41
CA GLU A 86 3.93 10.02 3.43
C GLU A 86 5.45 10.18 3.29
N SER A 87 5.90 11.40 3.12
CA SER A 87 7.36 11.64 2.97
C SER A 87 7.94 12.14 4.28
N LYS A 88 9.16 11.78 4.55
CA LYS A 88 9.81 12.25 5.79
C LYS A 88 11.27 12.53 5.44
N GLU A 89 11.89 11.59 4.78
CA GLU A 89 13.28 11.80 4.34
C GLU A 89 13.25 12.04 2.82
N ASN A 90 13.76 13.16 2.39
CA ASN A 90 13.75 13.50 0.93
C ASN A 90 14.32 12.37 0.08
N LYS A 91 13.49 11.44 -0.26
CA LYS A 91 13.91 10.30 -1.13
C LYS A 91 13.45 10.62 -2.55
N GLU A 92 14.03 10.03 -3.55
CA GLU A 92 13.58 10.35 -4.94
C GLU A 92 12.14 9.88 -5.13
N ILE A 93 11.22 10.62 -4.58
CA ILE A 93 9.77 10.27 -4.66
C ILE A 93 9.05 11.25 -5.60
N GLU A 94 8.57 10.78 -6.71
CA GLU A 94 7.82 11.67 -7.63
C GLU A 94 6.36 11.28 -7.61
N LEU A 95 5.49 12.19 -7.89
CA LEU A 95 4.07 11.79 -7.90
C LEU A 95 3.23 12.70 -8.83
N PRO A 96 3.04 13.95 -8.45
CA PRO A 96 2.25 14.85 -9.30
C PRO A 96 3.09 15.37 -10.47
#